data_7Z4S
#
_entry.id   7Z4S
#
_cell.length_a   54.515
_cell.length_b   56.112
_cell.length_c   63.238
_cell.angle_alpha   113.87
_cell.angle_beta   110.53
_cell.angle_gamma   90.92
#
_symmetry.space_group_name_H-M   'P 1'
#
loop_
_entity.id
_entity.type
_entity.pdbx_description
1 polymer '3C-like proteinase nsp5'
2 polymer 'Macrocyclic peptide inhibitor'
3 non-polymer DI(HYDROXYETHYL)ETHER
4 non-polymer 'DIMETHYL SULFOXIDE'
5 non-polymer 1,2-ETHANEDIOL
6 non-polymer 'TRIETHYLENE GLYCOL'
7 water water
#
loop_
_entity_poly.entity_id
_entity_poly.type
_entity_poly.pdbx_seq_one_letter_code
_entity_poly.pdbx_strand_id
1 'polypeptide(L)'
;SGFRKMAFPSGKVEGCMVQVTCGTTTLNGLWLDDVVYCPRHVICTSEDMLNPNYEDLLIRKSNHNFLVQAGNVQLRVIGH
SMQNCVLKLKVDTANPKTPKYKFVRIQPGQTFSVLACYNGSPSGVYQCAMRPNFTIKGSFLNGSCGSVGFNIDYD(CSO)
VSFCYMHHMELPTGVHAGTDLEGNFYGPFVDRQTAQAAGTDTTITVNVLAWLYAAVINGDRWFLNRFTTTLNDFNLVAMK
YNYEPLTQDHVDILGPLSAQTGIAVLDMCASLKELLQNGMNGRTILGSALLEDEFTPFDVVRQCSGVTFQ
;
A,B
2 'polypeptide(L)' (ACE)(DTY)FH(II7)LNLGYRPGC(NH2) C,D
#
loop_
_chem_comp.id
_chem_comp.type
_chem_comp.name
_chem_comp.formula
ACE non-polymer 'ACETYL GROUP' 'C2 H4 O'
DMS non-polymer 'DIMETHYL SULFOXIDE' 'C2 H6 O S'
EDO non-polymer 1,2-ETHANEDIOL 'C2 H6 O2'
NH2 non-polymer 'AMINO GROUP' 'H2 N'
PEG non-polymer DI(HYDROXYETHYL)ETHER 'C4 H10 O3'
PGE non-polymer 'TRIETHYLENE GLYCOL' 'C6 H14 O4'
#
# COMPACT_ATOMS: atom_id res chain seq x y z
N SER A 1 -7.15 -7.89 -13.80
CA SER A 1 -7.38 -8.81 -12.65
C SER A 1 -6.33 -8.64 -11.56
N GLY A 2 -6.55 -9.35 -10.44
CA GLY A 2 -5.77 -9.26 -9.24
C GLY A 2 -6.49 -8.35 -8.30
N PHE A 3 -6.30 -8.57 -7.00
CA PHE A 3 -6.93 -7.74 -6.00
C PHE A 3 -5.96 -7.62 -4.86
N ARG A 4 -5.61 -6.37 -4.57
CA ARG A 4 -4.49 -6.01 -3.67
C ARG A 4 -4.98 -4.97 -2.67
N LYS A 5 -4.40 -4.96 -1.47
CA LYS A 5 -4.61 -3.89 -0.53
C LYS A 5 -3.93 -2.70 -1.20
N MET A 6 -4.72 -1.66 -1.48
CA MET A 6 -4.32 -0.55 -2.30
C MET A 6 -4.55 0.75 -1.58
N ALA A 7 -3.54 1.63 -1.61
CA ALA A 7 -3.64 2.95 -1.02
C ALA A 7 -3.93 3.98 -2.12
N PHE A 8 -4.49 5.12 -1.73
CA PHE A 8 -4.54 6.29 -2.58
C PHE A 8 -3.13 6.78 -2.90
N PRO A 9 -2.90 7.34 -4.11
CA PRO A 9 -1.64 8.02 -4.42
C PRO A 9 -1.42 9.12 -3.37
N SER A 10 -0.20 9.20 -2.83
CA SER A 10 0.07 10.02 -1.65
C SER A 10 0.62 11.40 -1.95
N GLY A 11 0.93 11.67 -3.24
CA GLY A 11 1.54 12.92 -3.65
C GLY A 11 0.93 14.20 -3.08
N LYS A 12 -0.40 14.31 -3.16
CA LYS A 12 -1.09 15.49 -2.67
C LYS A 12 -0.84 15.75 -1.19
N VAL A 13 -0.63 14.68 -0.41
CA VAL A 13 -0.39 14.76 1.01
C VAL A 13 1.08 15.00 1.32
N GLU A 14 1.97 14.36 0.54
CA GLU A 14 3.40 14.55 0.71
C GLU A 14 3.76 16.01 0.64
N GLY A 15 3.13 16.75 -0.28
CA GLY A 15 3.40 18.17 -0.43
C GLY A 15 2.98 19.06 0.74
N CYS A 16 2.37 18.45 1.78
CA CYS A 16 1.84 19.16 2.96
C CYS A 16 2.56 18.84 4.26
N MET A 17 3.48 17.87 4.23
CA MET A 17 4.10 17.38 5.45
C MET A 17 5.27 18.28 5.85
N VAL A 18 5.27 18.67 7.13
CA VAL A 18 6.33 19.47 7.73
C VAL A 18 6.75 18.88 9.07
N GLN A 19 7.86 19.41 9.61
CA GLN A 19 8.37 19.04 10.93
C GLN A 19 8.07 20.16 11.88
N VAL A 20 7.57 19.82 13.07
CA VAL A 20 7.26 20.80 14.10
C VAL A 20 8.07 20.42 15.33
N THR A 21 8.77 21.42 15.88
CA THR A 21 9.57 21.28 17.10
C THR A 21 9.14 22.35 18.11
N CYS A 22 8.85 21.92 19.34
CA CYS A 22 8.68 22.81 20.47
C CYS A 22 9.55 22.29 21.61
N GLY A 23 10.49 23.13 22.07
CA GLY A 23 11.47 22.75 23.07
C GLY A 23 12.25 21.54 22.59
N THR A 24 12.06 20.41 23.30
CA THR A 24 12.79 19.18 23.03
C THR A 24 11.94 18.15 22.28
N THR A 25 10.69 18.50 21.96
CA THR A 25 9.73 17.59 21.35
C THR A 25 9.57 17.93 19.87
N THR A 26 9.81 16.93 19.00
CA THR A 26 9.67 17.05 17.56
C THR A 26 8.72 15.98 17.01
N LEU A 27 7.83 16.39 16.10
CA LEU A 27 6.89 15.46 15.44
C LEU A 27 6.50 16.06 14.10
N ASN A 28 5.51 15.45 13.43
CA ASN A 28 5.08 15.89 12.11
C ASN A 28 3.89 16.84 12.16
N GLY A 29 3.81 17.74 11.17
CA GLY A 29 2.66 18.61 11.03
C GLY A 29 2.16 18.56 9.59
N LEU A 30 0.94 19.06 9.41
CA LEU A 30 0.26 19.10 8.12
C LEU A 30 0.05 20.56 7.81
N TRP A 31 0.60 21.00 6.68
CA TRP A 31 0.63 22.39 6.24
C TRP A 31 -0.36 22.57 5.09
N LEU A 32 -1.49 23.22 5.40
CA LEU A 32 -2.54 23.50 4.44
C LEU A 32 -2.86 24.97 4.49
N ASP A 33 -2.78 25.64 3.32
CA ASP A 33 -2.85 27.08 3.24
C ASP A 33 -1.80 27.66 4.22
N ASP A 34 -2.20 28.62 5.05
CA ASP A 34 -1.27 29.25 5.97
C ASP A 34 -1.34 28.67 7.40
N VAL A 35 -1.84 27.45 7.53
CA VAL A 35 -1.91 26.77 8.83
C VAL A 35 -1.21 25.42 8.84
N VAL A 36 -0.52 25.15 9.95
CA VAL A 36 0.12 23.88 10.23
C VAL A 36 -0.59 23.23 11.40
N TYR A 37 -1.03 21.99 11.19
CA TYR A 37 -1.83 21.18 12.14
C TYR A 37 -0.92 20.10 12.73
N CYS A 38 -0.97 19.90 14.05
CA CYS A 38 -0.16 18.87 14.68
C CYS A 38 -0.72 18.51 16.05
N PRO A 39 -0.34 17.34 16.61
CA PRO A 39 -0.83 16.95 17.94
C PRO A 39 -0.37 17.96 19.00
N ARG A 40 -1.29 18.37 19.87
CA ARG A 40 -1.03 19.44 20.86
C ARG A 40 0.07 18.99 21.85
N HIS A 41 0.25 17.69 22.09
CA HIS A 41 1.32 17.25 23.01
C HIS A 41 2.76 17.62 22.58
N VAL A 42 2.90 18.23 21.39
CA VAL A 42 4.18 18.79 20.99
C VAL A 42 4.73 19.80 22.02
N ILE A 43 3.83 20.49 22.73
CA ILE A 43 4.19 21.48 23.72
C ILE A 43 4.54 20.88 25.10
N CYS A 44 4.47 19.56 25.25
CA CYS A 44 4.67 18.92 26.55
C CYS A 44 6.04 18.29 26.75
N THR A 45 6.51 18.33 28.00
CA THR A 45 7.56 17.45 28.50
C THR A 45 6.89 16.22 29.09
N SER A 46 7.70 15.22 29.41
CA SER A 46 7.24 13.99 30.06
C SER A 46 6.49 14.28 31.37
N GLU A 47 7.04 15.22 32.17
CA GLU A 47 6.42 15.65 33.43
C GLU A 47 4.98 16.12 33.17
N ASP A 48 4.83 17.00 32.16
CA ASP A 48 3.54 17.61 31.81
C ASP A 48 2.47 16.57 31.47
N MET A 49 2.88 15.47 30.84
CA MET A 49 1.96 14.45 30.33
C MET A 49 1.18 13.68 31.41
N LEU A 50 1.70 13.68 32.64
CA LEU A 50 1.03 13.00 33.76
C LEU A 50 -0.37 13.58 33.99
N ASN A 51 -0.45 14.91 34.04
CA ASN A 51 -1.72 15.59 34.19
C ASN A 51 -1.67 16.98 33.56
N PRO A 52 -1.62 17.05 32.21
CA PRO A 52 -1.41 18.31 31.51
C PRO A 52 -2.65 19.20 31.56
N ASN A 53 -2.46 20.47 31.88
CA ASN A 53 -3.45 21.50 31.61
C ASN A 53 -2.93 22.22 30.37
N TYR A 54 -3.43 21.82 29.20
CA TYR A 54 -2.94 22.28 27.89
C TYR A 54 -3.20 23.78 27.70
N GLU A 55 -4.30 24.29 28.24
CA GLU A 55 -4.59 25.73 28.17
C GLU A 55 -3.49 26.49 28.87
N ASP A 56 -3.15 26.04 30.08
CA ASP A 56 -2.10 26.64 30.90
C ASP A 56 -0.74 26.49 30.21
N LEU A 57 -0.45 25.29 29.70
CA LEU A 57 0.84 25.02 29.06
C LEU A 57 1.04 25.84 27.77
N LEU A 58 -0.04 26.01 26.99
CA LEU A 58 0.03 26.73 25.73
C LEU A 58 0.20 28.23 25.91
N ILE A 59 -0.46 28.78 26.93
CA ILE A 59 -0.37 30.20 27.29
C ILE A 59 1.10 30.58 27.59
N ARG A 60 1.89 29.60 28.03
CA ARG A 60 3.32 29.75 28.41
C ARG A 60 4.20 29.69 27.15
N LYS A 61 3.63 29.46 25.97
CA LYS A 61 4.41 29.41 24.75
C LYS A 61 4.22 30.68 23.92
N SER A 62 5.28 31.06 23.19
CA SER A 62 5.24 32.13 22.21
C SER A 62 5.37 31.55 20.82
N ASN A 63 5.05 32.36 19.80
CA ASN A 63 5.21 31.94 18.40
C ASN A 63 6.61 31.42 18.13
N HIS A 64 7.63 32.09 18.68
CA HIS A 64 9.02 31.73 18.43
C HIS A 64 9.48 30.43 19.11
N ASN A 65 8.65 29.87 20.01
CA ASN A 65 8.94 28.55 20.60
C ASN A 65 8.69 27.39 19.64
N PHE A 66 7.99 27.66 18.53
CA PHE A 66 7.69 26.63 17.55
C PHE A 66 8.61 26.78 16.34
N LEU A 67 9.39 25.73 16.07
CA LEU A 67 10.23 25.65 14.90
C LEU A 67 9.54 24.73 13.92
N VAL A 68 9.10 25.29 12.80
CA VAL A 68 8.45 24.56 11.72
C VAL A 68 9.35 24.56 10.51
N GLN A 69 9.63 23.36 10.00
CA GLN A 69 10.50 23.17 8.87
C GLN A 69 9.79 22.44 7.75
N ALA A 70 9.78 23.08 6.56
CA ALA A 70 9.29 22.47 5.33
C ALA A 70 10.49 22.28 4.42
N GLY A 71 10.78 21.03 4.07
CA GLY A 71 11.96 20.69 3.33
C GLY A 71 13.15 21.22 4.10
N ASN A 72 13.84 22.19 3.50
CA ASN A 72 14.98 22.86 4.14
C ASN A 72 14.72 24.34 4.41
N VAL A 73 13.44 24.68 4.65
CA VAL A 73 13.02 26.06 4.83
C VAL A 73 12.27 26.18 6.15
N GLN A 74 12.65 27.17 6.95
CA GLN A 74 11.97 27.46 8.19
C GLN A 74 10.80 28.40 7.93
N LEU A 75 9.60 27.96 8.28
CA LEU A 75 8.39 28.78 8.13
C LEU A 75 8.21 29.58 9.40
N ARG A 76 7.88 30.86 9.25
CA ARG A 76 7.68 31.81 10.38
C ARG A 76 6.27 31.62 10.96
N VAL A 77 6.21 31.22 12.24
CA VAL A 77 4.95 31.09 12.95
C VAL A 77 4.53 32.48 13.42
N ILE A 78 3.30 32.87 13.08
CA ILE A 78 2.76 34.17 13.43
C ILE A 78 1.53 34.12 14.33
N GLY A 79 1.10 32.91 14.69
CA GLY A 79 -0.04 32.71 15.56
C GLY A 79 -0.07 31.27 16.02
N HIS A 80 -0.77 31.04 17.13
CA HIS A 80 -1.02 29.68 17.60
C HIS A 80 -2.31 29.62 18.40
N SER A 81 -3.04 28.52 18.21
CA SER A 81 -4.26 28.23 18.94
C SER A 81 -4.43 26.73 19.06
N MET A 82 -5.29 26.31 19.97
CA MET A 82 -5.56 24.91 20.17
C MET A 82 -7.01 24.66 19.79
N GLN A 83 -7.25 23.54 19.11
CA GLN A 83 -8.61 23.09 18.82
C GLN A 83 -8.70 21.65 19.24
N ASN A 84 -9.39 21.41 20.35
CA ASN A 84 -9.44 20.09 20.94
C ASN A 84 -8.00 19.59 21.14
N CYS A 85 -7.61 18.44 20.58
CA CYS A 85 -6.27 17.91 20.82
C CYS A 85 -5.25 18.20 19.72
N VAL A 86 -5.57 19.14 18.83
CA VAL A 86 -4.62 19.59 17.81
C VAL A 86 -4.24 21.03 18.04
N LEU A 87 -2.97 21.34 17.76
CA LEU A 87 -2.43 22.69 17.74
C LEU A 87 -2.51 23.17 16.29
N LYS A 88 -2.93 24.43 16.13
CA LYS A 88 -2.90 25.13 14.84
C LYS A 88 -1.87 26.27 14.91
N LEU A 89 -0.86 26.19 14.04
CA LEU A 89 0.17 27.20 13.93
C LEU A 89 -0.06 27.96 12.64
N LYS A 90 -0.42 29.23 12.77
CA LYS A 90 -0.56 30.11 11.63
C LYS A 90 0.87 30.50 11.23
N VAL A 91 1.19 30.32 9.94
CA VAL A 91 2.49 30.67 9.37
C VAL A 91 2.30 31.81 8.36
N ASP A 92 3.37 32.56 8.07
CA ASP A 92 3.24 33.73 7.19
C ASP A 92 3.20 33.39 5.70
N THR A 93 3.33 32.10 5.37
CA THR A 93 3.35 31.62 3.99
C THR A 93 2.31 30.50 3.81
N ALA A 94 1.45 30.68 2.80
CA ALA A 94 0.51 29.66 2.39
C ALA A 94 1.27 28.59 1.62
N ASN A 95 0.95 27.33 1.90
CA ASN A 95 1.59 26.21 1.20
C ASN A 95 1.18 26.23 -0.27
N PRO A 96 2.10 26.47 -1.23
CA PRO A 96 1.73 26.53 -2.65
C PRO A 96 1.23 25.19 -3.21
N LYS A 97 1.53 24.08 -2.51
CA LYS A 97 1.13 22.75 -2.92
C LYS A 97 -0.15 22.27 -2.22
N THR A 98 -0.83 23.19 -1.55
CA THR A 98 -2.08 22.84 -0.88
C THR A 98 -3.04 22.25 -1.89
N PRO A 99 -3.52 21.00 -1.69
CA PRO A 99 -4.52 20.43 -2.58
C PRO A 99 -5.91 20.97 -2.22
N LYS A 100 -6.91 20.66 -3.04
CA LYS A 100 -8.29 20.81 -2.62
C LYS A 100 -8.44 19.81 -1.48
N TYR A 101 -9.01 20.23 -0.37
CA TYR A 101 -9.12 19.35 0.81
C TYR A 101 -10.35 19.69 1.65
N LYS A 102 -10.74 18.72 2.46
CA LYS A 102 -11.69 18.92 3.53
C LYS A 102 -11.25 18.05 4.71
N PHE A 103 -11.79 18.34 5.88
CA PHE A 103 -11.62 17.50 7.06
C PHE A 103 -12.91 16.77 7.32
N VAL A 104 -12.84 15.45 7.49
CA VAL A 104 -14.01 14.62 7.74
C VAL A 104 -13.73 13.66 8.88
N ARG A 105 -14.70 13.53 9.77
CA ARG A 105 -14.67 12.54 10.88
C ARG A 105 -15.36 11.29 10.36
N ILE A 106 -14.64 10.17 10.26
CA ILE A 106 -15.19 8.94 9.68
C ILE A 106 -15.84 8.06 10.75
N GLN A 107 -16.65 7.10 10.26
CA GLN A 107 -17.26 6.06 11.06
C GLN A 107 -16.41 4.80 11.13
N PRO A 108 -16.58 3.96 12.17
CA PRO A 108 -15.86 2.70 12.25
C PRO A 108 -16.27 1.83 11.06
N GLY A 109 -15.31 1.06 10.54
CA GLY A 109 -15.51 0.28 9.32
C GLY A 109 -15.02 0.96 8.05
N GLN A 110 -14.83 2.28 8.09
CA GLN A 110 -14.31 3.01 6.94
C GLN A 110 -12.78 2.85 6.90
N THR A 111 -12.25 2.79 5.69
CA THR A 111 -10.85 2.61 5.41
C THR A 111 -10.25 3.93 4.98
N PHE A 112 -8.92 4.03 5.09
CA PHE A 112 -8.20 5.23 4.65
C PHE A 112 -6.75 4.87 4.44
N SER A 113 -6.05 5.70 3.68
CA SER A 113 -4.62 5.57 3.51
C SER A 113 -3.89 6.39 4.57
N VAL A 114 -2.77 5.85 5.04
CA VAL A 114 -1.87 6.52 5.96
C VAL A 114 -0.54 6.80 5.30
N LEU A 115 -0.11 8.06 5.36
CA LEU A 115 1.22 8.43 4.97
C LEU A 115 2.08 8.57 6.25
N ALA A 116 2.86 7.52 6.54
CA ALA A 116 3.72 7.51 7.71
C ALA A 116 4.93 8.40 7.46
N CYS A 117 5.20 9.31 8.40
CA CYS A 117 6.25 10.31 8.31
C CYS A 117 7.06 10.34 9.57
N TYR A 118 8.32 10.76 9.40
CA TYR A 118 9.33 10.94 10.48
C TYR A 118 10.13 12.19 10.14
N ASN A 119 10.18 13.14 11.08
CA ASN A 119 10.97 14.37 10.90
C ASN A 119 10.44 15.20 9.72
N GLY A 120 9.11 15.18 9.52
CA GLY A 120 8.47 15.82 8.40
C GLY A 120 8.67 15.19 7.03
N SER A 121 9.36 14.04 6.98
CA SER A 121 9.68 13.35 5.73
C SER A 121 8.84 12.09 5.53
N PRO A 122 8.05 12.01 4.43
CA PRO A 122 7.23 10.83 4.18
C PRO A 122 8.08 9.55 4.04
N SER A 123 7.68 8.46 4.71
CA SER A 123 8.43 7.23 4.77
C SER A 123 7.74 6.11 3.98
N GLY A 124 6.41 6.08 4.02
CA GLY A 124 5.63 5.01 3.42
C GLY A 124 4.15 5.25 3.48
N VAL A 125 3.43 4.48 2.66
CA VAL A 125 2.01 4.58 2.54
C VAL A 125 1.41 3.19 2.67
N TYR A 126 0.33 3.11 3.44
CA TYR A 126 -0.43 1.86 3.63
C TYR A 126 -1.90 2.17 3.91
N GLN A 127 -2.71 1.15 3.77
CA GLN A 127 -4.16 1.23 3.85
C GLN A 127 -4.56 0.59 5.16
N CYS A 128 -5.51 1.24 5.87
N CYS A 128 -5.51 1.21 5.87
CA CYS A 128 -5.99 0.81 7.18
CA CYS A 128 -6.04 0.60 7.08
C CYS A 128 -7.50 0.98 7.26
C CYS A 128 -7.50 0.97 7.26
N ALA A 129 -8.11 0.42 8.31
CA ALA A 129 -9.52 0.70 8.64
C ALA A 129 -9.61 1.24 10.04
N MET A 130 -10.59 2.12 10.28
CA MET A 130 -11.02 2.43 11.64
C MET A 130 -11.74 1.20 12.13
N ARG A 131 -11.16 0.52 13.13
CA ARG A 131 -11.76 -0.67 13.77
C ARG A 131 -13.02 -0.26 14.54
N PRO A 132 -13.98 -1.20 14.74
CA PRO A 132 -15.13 -0.95 15.60
C PRO A 132 -14.81 -0.43 17.01
N ASN A 133 -13.65 -0.80 17.56
CA ASN A 133 -13.20 -0.31 18.86
C ASN A 133 -12.40 1.03 18.76
N PHE A 134 -12.42 1.66 17.58
CA PHE A 134 -11.85 3.01 17.38
C PHE A 134 -10.33 3.07 17.55
N THR A 135 -9.67 1.99 17.21
CA THR A 135 -8.25 1.95 17.06
C THR A 135 -7.99 1.63 15.59
N ILE A 136 -6.73 1.73 15.18
CA ILE A 136 -6.32 1.27 13.85
C ILE A 136 -5.12 0.37 14.00
N LYS A 137 -5.04 -0.68 13.18
CA LYS A 137 -3.92 -1.61 13.17
C LYS A 137 -2.91 -1.04 12.18
N GLY A 138 -2.15 -0.07 12.66
CA GLY A 138 -1.22 0.68 11.83
C GLY A 138 0.17 0.13 11.95
N SER A 139 1.12 0.88 11.40
CA SER A 139 2.54 0.60 11.54
C SER A 139 3.22 1.93 11.75
N PHE A 140 3.65 2.18 12.99
CA PHE A 140 4.09 3.48 13.44
C PHE A 140 5.17 3.27 14.46
N LEU A 141 6.27 4.03 14.33
CA LEU A 141 7.34 4.01 15.29
C LEU A 141 7.28 5.33 16.04
N ASN A 142 8.03 5.43 17.14
CA ASN A 142 8.16 6.70 17.82
C ASN A 142 8.71 7.74 16.82
N GLY A 143 8.13 8.95 16.84
CA GLY A 143 8.41 10.00 15.88
C GLY A 143 7.32 10.18 14.82
N SER A 144 6.39 9.24 14.73
CA SER A 144 5.35 9.25 13.71
C SER A 144 4.16 10.17 14.02
N CYS A 145 4.09 10.69 15.25
CA CYS A 145 3.02 11.61 15.58
C CYS A 145 2.85 12.69 14.54
N GLY A 146 1.58 12.97 14.22
CA GLY A 146 1.25 13.96 13.23
C GLY A 146 1.15 13.42 11.82
N SER A 147 1.56 12.17 11.58
CA SER A 147 1.25 11.49 10.30
C SER A 147 -0.27 11.43 10.15
N VAL A 148 -0.75 11.53 8.90
CA VAL A 148 -2.18 11.60 8.68
C VAL A 148 -2.75 10.47 7.83
N GLY A 149 -4.05 10.26 8.00
CA GLY A 149 -4.84 9.33 7.22
C GLY A 149 -5.79 10.12 6.34
N PHE A 150 -6.08 9.57 5.16
CA PHE A 150 -6.85 10.28 4.18
C PHE A 150 -7.52 9.38 3.14
N ASN A 151 -8.53 9.95 2.49
CA ASN A 151 -9.10 9.42 1.27
C ASN A 151 -9.04 10.49 0.22
N ILE A 152 -9.13 10.08 -1.05
CA ILE A 152 -9.21 11.02 -2.15
C ILE A 152 -10.45 10.70 -2.99
N ASP A 153 -11.21 11.75 -3.33
N ASP A 153 -11.19 11.75 -3.35
CA ASP A 153 -12.26 11.66 -4.34
CA ASP A 153 -12.27 11.67 -4.34
C ASP A 153 -11.97 12.66 -5.46
C ASP A 153 -11.96 12.66 -5.46
N TYR A 154 -11.76 12.14 -6.67
CA TYR A 154 -11.34 12.90 -7.87
C TYR A 154 -10.08 13.70 -7.49
N ASP A 155 -10.22 15.01 -7.22
CA ASP A 155 -9.06 15.87 -6.92
C ASP A 155 -9.04 16.37 -5.47
N CSO A 156 -9.96 15.89 -4.65
CA CSO A 156 -10.20 16.40 -3.27
CB CSO A 156 -11.66 16.68 -3.05
SG CSO A 156 -12.01 17.27 -1.38
C CSO A 156 -9.68 15.43 -2.20
O CSO A 156 -10.15 14.29 -2.17
OD CSO A 156 -11.85 18.89 -1.41
N VAL A 157 -8.79 15.90 -1.33
CA VAL A 157 -8.27 15.08 -0.24
C VAL A 157 -9.14 15.29 1.01
N SER A 158 -9.74 14.20 1.50
CA SER A 158 -10.48 14.21 2.76
C SER A 158 -9.58 13.63 3.83
N PHE A 159 -9.07 14.51 4.69
CA PHE A 159 -8.23 14.09 5.82
C PHE A 159 -9.14 13.64 6.93
N CYS A 160 -8.88 12.45 7.49
CA CYS A 160 -9.72 11.86 8.51
C CYS A 160 -9.03 11.42 9.80
N TYR A 161 -7.69 11.39 9.81
CA TYR A 161 -6.90 10.85 10.95
C TYR A 161 -5.61 11.63 11.11
N MET A 162 -5.27 11.97 12.35
CA MET A 162 -3.94 12.38 12.71
C MET A 162 -3.49 11.46 13.81
N HIS A 163 -2.28 10.90 13.66
CA HIS A 163 -1.73 9.93 14.60
C HIS A 163 -1.23 10.57 15.89
N HIS A 164 -1.63 9.99 17.04
CA HIS A 164 -1.14 10.46 18.36
C HIS A 164 -0.43 9.45 19.24
N MET A 165 -0.83 8.17 19.18
CA MET A 165 -0.39 7.24 20.23
C MET A 165 -0.56 5.79 19.85
N GLU A 166 0.10 4.94 20.64
CA GLU A 166 0.01 3.49 20.53
C GLU A 166 -0.50 2.95 21.86
N LEU A 167 -1.29 1.89 21.78
CA LEU A 167 -1.86 1.24 22.95
C LEU A 167 -1.09 -0.04 23.26
N PRO A 168 -1.22 -0.61 24.48
CA PRO A 168 -0.41 -1.75 24.88
C PRO A 168 -0.44 -2.93 23.90
N THR A 169 -1.54 -3.14 23.20
CA THR A 169 -1.64 -4.24 22.25
C THR A 169 -0.94 -3.96 20.92
N GLY A 170 -0.36 -2.76 20.78
CA GLY A 170 0.37 -2.39 19.57
C GLY A 170 -0.43 -1.76 18.46
N VAL A 171 -1.74 -1.57 18.71
CA VAL A 171 -2.62 -0.82 17.85
C VAL A 171 -2.52 0.65 18.20
N HIS A 172 -3.15 1.48 17.37
CA HIS A 172 -2.93 2.92 17.34
C HIS A 172 -4.20 3.70 17.50
N ALA A 173 -4.08 4.89 18.10
CA ALA A 173 -5.21 5.78 18.35
C ALA A 173 -4.79 7.18 17.99
N GLY A 174 -5.78 7.98 17.59
CA GLY A 174 -5.57 9.33 17.14
C GLY A 174 -6.85 10.10 16.97
N THR A 175 -6.76 11.26 16.33
CA THR A 175 -7.86 12.19 16.25
C THR A 175 -8.26 12.39 14.79
N ASP A 176 -9.41 13.05 14.64
CA ASP A 176 -9.75 13.69 13.37
C ASP A 176 -8.86 14.94 13.24
N LEU A 177 -8.95 15.64 12.11
CA LEU A 177 -8.10 16.81 11.87
C LEU A 177 -8.56 18.05 12.63
N GLU A 178 -9.68 17.94 13.35
CA GLU A 178 -10.12 18.96 14.31
C GLU A 178 -9.78 18.57 15.77
N GLY A 179 -8.97 17.52 15.95
CA GLY A 179 -8.41 17.14 17.23
C GLY A 179 -9.28 16.36 18.19
N ASN A 180 -10.40 15.82 17.70
CA ASN A 180 -11.24 14.98 18.53
C ASN A 180 -10.79 13.55 18.36
N PHE A 181 -10.43 12.89 19.47
CA PHE A 181 -10.05 11.48 19.40
C PHE A 181 -11.19 10.63 18.84
N TYR A 182 -10.79 9.60 18.08
CA TYR A 182 -11.63 8.40 17.84
C TYR A 182 -11.58 7.54 19.11
N GLY A 183 -12.75 7.19 19.63
CA GLY A 183 -12.84 6.37 20.83
C GLY A 183 -12.64 7.19 22.10
N PRO A 184 -12.49 6.52 23.26
CA PRO A 184 -12.47 7.22 24.55
C PRO A 184 -11.07 7.71 24.98
N PHE A 185 -10.10 7.66 24.06
CA PHE A 185 -8.72 7.93 24.43
C PHE A 185 -8.46 9.40 24.69
N VAL A 186 -7.41 9.65 25.49
CA VAL A 186 -7.01 10.98 25.89
C VAL A 186 -5.49 11.16 25.73
N ASP A 187 -5.06 12.40 25.51
CA ASP A 187 -3.65 12.71 25.35
C ASP A 187 -3.01 13.10 26.68
N ARG A 188 -3.07 12.13 27.60
CA ARG A 188 -2.50 12.18 28.97
C ARG A 188 -1.85 10.82 29.23
N GLN A 189 -0.72 10.81 29.96
CA GLN A 189 -0.03 9.57 30.31
C GLN A 189 -0.76 8.96 31.51
N THR A 190 -1.64 8.02 31.20
CA THR A 190 -2.48 7.31 32.14
C THR A 190 -2.85 5.99 31.46
N ALA A 191 -3.23 4.98 32.25
CA ALA A 191 -3.52 3.64 31.71
C ALA A 191 -4.66 3.70 30.71
N GLN A 192 -4.40 3.20 29.50
CA GLN A 192 -5.39 3.14 28.43
C GLN A 192 -5.23 1.82 27.70
N ALA A 193 -6.35 1.28 27.22
CA ALA A 193 -6.34 0.01 26.51
C ALA A 193 -7.44 -0.02 25.46
N ALA A 194 -7.19 -0.77 24.39
CA ALA A 194 -8.15 -1.01 23.35
C ALA A 194 -9.24 -1.89 23.94
N GLY A 195 -10.49 -1.58 23.57
CA GLY A 195 -11.62 -2.43 23.88
C GLY A 195 -11.59 -3.69 23.05
N THR A 196 -12.52 -4.60 23.35
CA THR A 196 -12.75 -5.76 22.53
C THR A 196 -13.15 -5.26 21.14
N ASP A 197 -12.59 -5.90 20.11
CA ASP A 197 -12.88 -5.54 18.74
C ASP A 197 -13.85 -6.55 18.15
N THR A 198 -14.39 -6.22 16.97
CA THR A 198 -15.29 -7.09 16.24
C THR A 198 -14.88 -7.04 14.77
N THR A 199 -15.38 -8.01 13.99
CA THR A 199 -15.11 -8.04 12.56
C THR A 199 -16.16 -7.23 11.80
N ILE A 200 -15.69 -6.48 10.79
CA ILE A 200 -16.53 -5.60 10.01
C ILE A 200 -17.21 -6.41 8.89
N THR A 201 -18.40 -6.90 9.22
CA THR A 201 -19.14 -7.86 8.39
C THR A 201 -19.36 -7.37 6.97
N VAL A 202 -19.87 -6.14 6.82
CA VAL A 202 -20.15 -5.56 5.51
C VAL A 202 -18.90 -5.58 4.60
N ASN A 203 -17.72 -5.33 5.19
CA ASN A 203 -16.46 -5.34 4.46
C ASN A 203 -16.05 -6.74 4.03
N VAL A 204 -16.24 -7.74 4.90
CA VAL A 204 -15.94 -9.12 4.52
C VAL A 204 -16.79 -9.50 3.33
N LEU A 205 -18.08 -9.15 3.39
CA LEU A 205 -19.00 -9.45 2.29
C LEU A 205 -18.51 -8.76 1.02
N ALA A 206 -18.07 -7.51 1.15
CA ALA A 206 -17.53 -6.77 -0.01
C ALA A 206 -16.34 -7.47 -0.63
N TRP A 207 -15.49 -8.06 0.21
CA TRP A 207 -14.28 -8.71 -0.22
C TRP A 207 -14.60 -10.04 -0.86
N LEU A 208 -15.61 -10.72 -0.34
CA LEU A 208 -16.12 -11.91 -1.02
C LEU A 208 -16.65 -11.60 -2.43
N TYR A 209 -17.30 -10.44 -2.61
CA TYR A 209 -17.74 -9.95 -3.95
C TYR A 209 -16.51 -9.68 -4.83
N ALA A 210 -15.47 -9.08 -4.23
CA ALA A 210 -14.21 -8.87 -4.95
C ALA A 210 -13.67 -10.20 -5.47
N ALA A 211 -13.74 -11.23 -4.63
CA ALA A 211 -13.24 -12.55 -4.97
C ALA A 211 -14.00 -13.11 -6.15
N VAL A 212 -15.33 -12.98 -6.14
CA VAL A 212 -16.17 -13.46 -7.24
C VAL A 212 -15.82 -12.70 -8.52
N ILE A 213 -15.73 -11.37 -8.41
CA ILE A 213 -15.39 -10.54 -9.58
C ILE A 213 -14.08 -11.03 -10.22
N ASN A 214 -13.11 -11.42 -9.38
CA ASN A 214 -11.82 -11.93 -9.83
C ASN A 214 -11.74 -13.41 -10.17
N GLY A 215 -12.90 -14.08 -10.18
CA GLY A 215 -13.04 -15.46 -10.63
C GLY A 215 -12.95 -16.54 -9.56
N ASP A 216 -13.01 -16.13 -8.28
CA ASP A 216 -12.80 -17.03 -7.15
C ASP A 216 -14.19 -17.28 -6.54
N ARG A 217 -14.78 -18.44 -6.86
CA ARG A 217 -16.23 -18.72 -6.63
C ARG A 217 -16.45 -20.00 -5.81
N TRP A 218 -15.38 -20.72 -5.43
CA TRP A 218 -15.51 -22.03 -4.74
C TRP A 218 -16.36 -21.98 -3.46
N PHE A 219 -16.41 -20.81 -2.80
CA PHE A 219 -17.09 -20.66 -1.52
C PHE A 219 -18.59 -20.34 -1.67
N LEU A 220 -19.05 -20.12 -2.90
CA LEU A 220 -20.43 -19.70 -3.10
C LEU A 220 -21.38 -20.82 -2.68
N ASN A 221 -22.46 -20.47 -1.98
CA ASN A 221 -23.58 -21.37 -1.81
C ASN A 221 -24.87 -20.56 -1.82
N ARG A 222 -25.91 -21.16 -2.42
CA ARG A 222 -27.14 -20.44 -2.83
C ARG A 222 -28.28 -20.83 -1.91
N PHE A 223 -27.99 -21.31 -0.69
CA PHE A 223 -29.02 -21.48 0.33
C PHE A 223 -29.29 -20.20 1.09
N THR A 224 -29.97 -19.27 0.40
CA THR A 224 -30.25 -17.92 0.88
C THR A 224 -30.73 -17.84 2.34
N THR A 225 -29.87 -17.36 3.23
CA THR A 225 -30.22 -17.18 4.63
C THR A 225 -31.06 -15.92 4.78
N THR A 226 -31.60 -15.72 5.98
CA THR A 226 -32.28 -14.49 6.33
C THR A 226 -31.31 -13.67 7.12
N LEU A 227 -31.60 -12.37 7.18
CA LEU A 227 -30.82 -11.43 7.94
C LEU A 227 -30.72 -11.84 9.41
N ASN A 228 -31.88 -12.22 10.00
CA ASN A 228 -31.94 -12.68 11.39
C ASN A 228 -31.10 -13.92 11.63
N ASP A 229 -31.28 -14.94 10.78
CA ASP A 229 -30.51 -16.18 10.90
C ASP A 229 -29.02 -15.89 10.75
N PHE A 230 -28.67 -15.01 9.82
CA PHE A 230 -27.28 -14.67 9.61
C PHE A 230 -26.67 -14.03 10.85
N ASN A 231 -27.38 -13.02 11.38
CA ASN A 231 -26.90 -12.27 12.54
C ASN A 231 -26.75 -13.12 13.81
N LEU A 232 -27.54 -14.19 13.90
CA LEU A 232 -27.40 -15.16 14.97
C LEU A 232 -26.02 -15.82 14.88
N VAL A 233 -25.63 -16.23 13.68
CA VAL A 233 -24.35 -16.85 13.48
C VAL A 233 -23.21 -15.82 13.63
N ALA A 234 -23.42 -14.60 13.10
CA ALA A 234 -22.45 -13.51 13.22
C ALA A 234 -22.08 -13.23 14.68
N MET A 235 -23.10 -13.00 15.51
CA MET A 235 -22.94 -12.79 16.95
C MET A 235 -21.92 -13.78 17.52
N LYS A 236 -22.10 -15.06 17.19
CA LYS A 236 -21.29 -16.16 17.71
C LYS A 236 -19.82 -16.07 17.36
N TYR A 237 -19.49 -15.49 16.20
CA TYR A 237 -18.11 -15.41 15.67
C TYR A 237 -17.56 -13.98 15.84
N ASN A 238 -18.24 -13.14 16.62
CA ASN A 238 -17.77 -11.79 16.92
C ASN A 238 -17.69 -10.91 15.66
N TYR A 239 -18.68 -11.07 14.78
CA TYR A 239 -18.94 -10.23 13.60
C TYR A 239 -19.97 -9.17 13.96
N GLU A 240 -19.87 -7.97 13.39
CA GLU A 240 -20.85 -6.90 13.57
C GLU A 240 -22.18 -7.35 12.97
N PRO A 241 -23.33 -6.97 13.58
CA PRO A 241 -24.62 -7.22 12.95
C PRO A 241 -24.67 -6.53 11.58
N LEU A 242 -25.33 -7.18 10.62
CA LEU A 242 -25.56 -6.64 9.29
C LEU A 242 -26.95 -6.06 9.30
N THR A 243 -27.06 -4.80 8.88
CA THR A 243 -28.32 -4.08 8.81
C THR A 243 -28.80 -4.05 7.36
N GLN A 244 -30.07 -3.62 7.18
CA GLN A 244 -30.62 -3.36 5.86
C GLN A 244 -29.80 -2.28 5.14
N ASP A 245 -29.26 -1.33 5.89
CA ASP A 245 -28.43 -0.29 5.30
C ASP A 245 -27.18 -0.88 4.64
N HIS A 246 -26.54 -1.83 5.33
CA HIS A 246 -25.41 -2.57 4.77
C HIS A 246 -25.81 -3.33 3.51
N VAL A 247 -27.01 -3.93 3.53
CA VAL A 247 -27.51 -4.69 2.37
C VAL A 247 -27.65 -3.75 1.17
N ASP A 248 -28.23 -2.56 1.40
CA ASP A 248 -28.38 -1.52 0.39
C ASP A 248 -27.02 -1.10 -0.16
N ILE A 249 -26.05 -0.89 0.74
CA ILE A 249 -24.71 -0.47 0.36
C ILE A 249 -24.04 -1.53 -0.56
N LEU A 250 -24.35 -2.80 -0.34
CA LEU A 250 -23.81 -3.91 -1.14
C LEU A 250 -24.58 -4.10 -2.47
N GLY A 251 -25.62 -3.29 -2.66
CA GLY A 251 -26.45 -3.34 -3.86
C GLY A 251 -25.67 -3.42 -5.16
N PRO A 252 -24.83 -2.40 -5.47
CA PRO A 252 -24.09 -2.38 -6.74
C PRO A 252 -23.27 -3.65 -6.97
N LEU A 253 -22.56 -4.14 -5.95
CA LEU A 253 -21.73 -5.34 -6.08
C LEU A 253 -22.57 -6.58 -6.32
N SER A 254 -23.68 -6.67 -5.59
CA SER A 254 -24.71 -7.68 -5.82
C SER A 254 -25.23 -7.69 -7.27
N ALA A 255 -25.56 -6.51 -7.80
CA ALA A 255 -26.07 -6.36 -9.17
C ALA A 255 -25.01 -6.76 -10.18
N GLN A 256 -23.76 -6.31 -9.95
CA GLN A 256 -22.66 -6.59 -10.87
C GLN A 256 -22.39 -8.09 -11.01
N THR A 257 -22.51 -8.83 -9.89
CA THR A 257 -22.19 -10.25 -9.86
C THR A 257 -23.41 -11.14 -10.02
N GLY A 258 -24.60 -10.57 -9.85
CA GLY A 258 -25.85 -11.32 -9.85
C GLY A 258 -26.01 -12.27 -8.66
N ILE A 259 -25.30 -12.00 -7.56
CA ILE A 259 -25.40 -12.78 -6.35
C ILE A 259 -26.05 -11.93 -5.27
N ALA A 260 -27.26 -12.35 -4.84
CA ALA A 260 -28.02 -11.63 -3.82
C ALA A 260 -27.19 -11.54 -2.57
N VAL A 261 -27.30 -10.41 -1.87
CA VAL A 261 -26.57 -10.15 -0.64
C VAL A 261 -26.79 -11.27 0.37
N LEU A 262 -28.05 -11.74 0.49
CA LEU A 262 -28.37 -12.81 1.43
C LEU A 262 -27.77 -14.17 1.01
N ASP A 263 -27.47 -14.34 -0.28
CA ASP A 263 -26.75 -15.53 -0.75
C ASP A 263 -25.28 -15.46 -0.36
N MET A 264 -24.68 -14.27 -0.48
CA MET A 264 -23.30 -14.08 -0.02
C MET A 264 -23.22 -14.28 1.50
N CYS A 265 -24.26 -13.83 2.23
CA CYS A 265 -24.36 -14.06 3.67
C CYS A 265 -24.39 -15.56 3.99
N ALA A 266 -25.11 -16.33 3.16
CA ALA A 266 -25.15 -17.78 3.32
C ALA A 266 -23.73 -18.38 3.15
N SER A 267 -22.98 -17.87 2.17
CA SER A 267 -21.62 -18.29 1.93
C SER A 267 -20.69 -17.96 3.10
N LEU A 268 -20.80 -16.73 3.62
CA LEU A 268 -20.02 -16.29 4.76
C LEU A 268 -20.34 -17.16 5.99
N LYS A 269 -21.63 -17.39 6.24
CA LYS A 269 -22.08 -18.25 7.33
C LYS A 269 -21.36 -19.59 7.29
N GLU A 270 -21.39 -20.23 6.12
CA GLU A 270 -20.74 -21.52 5.93
C GLU A 270 -19.23 -21.42 6.19
N LEU A 271 -18.60 -20.34 5.69
CA LEU A 271 -17.17 -20.10 5.89
C LEU A 271 -16.82 -20.00 7.37
N LEU A 272 -17.66 -19.27 8.13
CA LEU A 272 -17.47 -19.11 9.56
C LEU A 272 -17.59 -20.44 10.30
N GLN A 273 -18.57 -21.27 9.89
CA GLN A 273 -18.83 -22.52 10.57
C GLN A 273 -17.84 -23.63 10.23
N ASN A 274 -17.41 -23.69 8.96
CA ASN A 274 -16.53 -24.77 8.50
C ASN A 274 -15.08 -24.39 8.25
N GLY A 275 -14.78 -23.08 8.22
CA GLY A 275 -13.47 -22.61 7.85
C GLY A 275 -13.27 -22.74 6.36
N MET A 276 -12.04 -22.45 5.90
N MET A 276 -12.04 -22.46 5.91
CA MET A 276 -11.70 -22.41 4.48
CA MET A 276 -11.70 -22.41 4.49
C MET A 276 -11.22 -23.76 3.95
C MET A 276 -11.22 -23.76 3.96
N ASN A 277 -10.93 -24.69 4.88
CA ASN A 277 -10.60 -26.06 4.54
C ASN A 277 -9.36 -26.16 3.63
N GLY A 278 -8.32 -25.40 3.98
CA GLY A 278 -7.07 -25.37 3.25
C GLY A 278 -7.04 -24.50 2.02
N ARG A 279 -8.20 -24.00 1.57
CA ARG A 279 -8.33 -23.14 0.38
C ARG A 279 -8.06 -21.69 0.79
N THR A 280 -7.79 -20.84 -0.21
CA THR A 280 -7.59 -19.42 -0.03
C THR A 280 -8.63 -18.65 -0.82
N ILE A 281 -8.84 -17.39 -0.43
CA ILE A 281 -9.68 -16.46 -1.14
C ILE A 281 -8.84 -15.22 -1.40
N LEU A 282 -8.66 -14.89 -2.69
CA LEU A 282 -7.78 -13.80 -3.08
C LEU A 282 -6.42 -13.90 -2.38
N GLY A 283 -5.88 -15.12 -2.34
CA GLY A 283 -4.57 -15.40 -1.79
C GLY A 283 -4.51 -15.39 -0.27
N SER A 284 -5.66 -15.21 0.40
CA SER A 284 -5.72 -15.10 1.85
C SER A 284 -6.34 -16.35 2.47
N ALA A 285 -5.75 -16.80 3.58
CA ALA A 285 -6.24 -17.94 4.35
C ALA A 285 -7.21 -17.50 5.46
N LEU A 286 -7.39 -16.19 5.62
CA LEU A 286 -8.32 -15.61 6.59
C LEU A 286 -9.26 -14.66 5.86
N LEU A 287 -10.42 -14.42 6.46
CA LEU A 287 -11.43 -13.53 5.90
C LEU A 287 -10.95 -12.12 6.18
N GLU A 288 -10.89 -11.31 5.13
CA GLU A 288 -10.38 -9.97 5.19
C GLU A 288 -11.50 -8.95 5.37
N ASP A 289 -11.33 -8.01 6.31
CA ASP A 289 -12.37 -7.02 6.57
C ASP A 289 -11.97 -5.55 6.45
N GLU A 290 -10.83 -5.28 5.79
CA GLU A 290 -10.41 -3.89 5.57
C GLU A 290 -10.53 -3.43 4.10
N PHE A 291 -11.49 -3.99 3.37
CA PHE A 291 -11.98 -3.37 2.14
C PHE A 291 -13.45 -3.03 2.31
N THR A 292 -13.79 -1.76 2.12
CA THR A 292 -15.21 -1.36 2.04
C THR A 292 -15.83 -1.72 0.69
N PRO A 293 -17.16 -1.74 0.58
CA PRO A 293 -17.81 -1.90 -0.73
C PRO A 293 -17.32 -0.87 -1.76
N PHE A 294 -17.08 0.37 -1.32
CA PHE A 294 -16.57 1.43 -2.18
C PHE A 294 -15.17 1.09 -2.70
N ASP A 295 -14.31 0.60 -1.82
CA ASP A 295 -12.95 0.21 -2.18
C ASP A 295 -12.98 -0.84 -3.27
N VAL A 296 -13.88 -1.83 -3.10
CA VAL A 296 -13.95 -2.95 -4.03
C VAL A 296 -14.33 -2.41 -5.42
N VAL A 297 -15.36 -1.56 -5.47
CA VAL A 297 -15.86 -1.02 -6.72
C VAL A 297 -14.79 -0.16 -7.42
N ARG A 298 -14.11 0.68 -6.62
CA ARG A 298 -13.03 1.56 -7.13
C ARG A 298 -11.89 0.73 -7.74
N GLN A 299 -11.45 -0.34 -7.06
CA GLN A 299 -10.32 -1.13 -7.52
C GLN A 299 -10.68 -2.01 -8.71
N CYS A 300 -11.90 -2.57 -8.70
CA CYS A 300 -12.41 -3.39 -9.77
C CYS A 300 -12.89 -2.64 -11.05
N SER A 301 -13.10 -1.32 -10.95
CA SER A 301 -13.59 -0.46 -12.05
C SER A 301 -12.57 0.57 -12.61
N GLY A 302 -11.45 0.76 -11.89
CA GLY A 302 -10.33 1.57 -12.37
C GLY A 302 -10.43 3.08 -12.17
N VAL A 303 -11.20 3.49 -11.15
CA VAL A 303 -11.36 4.90 -10.81
C VAL A 303 -10.00 5.58 -10.56
N THR A 304 -9.82 6.77 -11.17
CA THR A 304 -8.60 7.57 -11.09
C THR A 304 -8.81 8.92 -10.40
N PHE A 305 -7.70 9.63 -10.13
CA PHE A 305 -7.71 10.91 -9.42
C PHE A 305 -7.00 12.03 -10.17
N GLN A 306 -7.45 13.26 -9.95
CA GLN A 306 -6.85 14.49 -10.48
C GLN A 306 -6.37 15.32 -9.31
N SER B 1 5.05 -0.02 16.88
CA SER B 1 4.74 -1.42 16.47
C SER B 1 3.74 -1.46 15.30
N GLY B 2 3.43 -2.69 14.85
CA GLY B 2 2.52 -2.96 13.75
C GLY B 2 3.39 -3.33 12.58
N PHE B 3 2.82 -4.10 11.65
CA PHE B 3 3.54 -4.47 10.45
C PHE B 3 2.56 -4.56 9.32
N ARG B 4 2.82 -3.77 8.29
CA ARG B 4 1.88 -3.57 7.15
C ARG B 4 2.65 -3.73 5.85
N LYS B 5 1.97 -4.24 4.80
CA LYS B 5 2.52 -4.19 3.46
C LYS B 5 2.50 -2.71 3.14
N MET B 6 3.68 -2.15 2.89
CA MET B 6 3.89 -0.71 2.84
C MET B 6 4.55 -0.32 1.53
N ALA B 7 4.00 0.70 0.87
CA ALA B 7 4.56 1.21 -0.37
C ALA B 7 5.33 2.47 -0.11
N PHE B 8 6.26 2.79 -1.03
CA PHE B 8 6.89 4.10 -1.05
C PHE B 8 5.85 5.17 -1.37
N PRO B 9 6.00 6.39 -0.79
CA PRO B 9 5.18 7.53 -1.18
C PRO B 9 5.33 7.74 -2.70
N SER B 10 4.21 7.96 -3.38
CA SER B 10 4.15 7.85 -4.84
C SER B 10 4.23 9.20 -5.54
N GLY B 11 4.25 10.30 -4.76
CA GLY B 11 4.27 11.65 -5.33
C GLY B 11 5.29 11.89 -6.44
N LYS B 12 6.54 11.47 -6.22
CA LYS B 12 7.59 11.68 -7.21
C LYS B 12 7.27 11.03 -8.57
N VAL B 13 6.54 9.91 -8.53
CA VAL B 13 6.14 9.18 -9.73
C VAL B 13 4.88 9.77 -10.36
N GLU B 14 3.93 10.18 -9.50
CA GLU B 14 2.70 10.81 -9.97
C GLU B 14 3.00 11.99 -10.89
N GLY B 15 4.01 12.79 -10.52
CA GLY B 15 4.38 13.95 -11.33
C GLY B 15 4.97 13.65 -12.71
N CYS B 16 5.15 12.36 -13.02
CA CYS B 16 5.75 11.87 -14.28
C CYS B 16 4.79 11.15 -15.22
N MET B 17 3.56 10.93 -14.76
CA MET B 17 2.61 10.11 -15.52
C MET B 17 1.92 10.94 -16.60
N VAL B 18 1.92 10.39 -17.80
CA VAL B 18 1.24 11.00 -18.95
C VAL B 18 0.44 9.95 -19.70
N GLN B 19 -0.41 10.42 -20.63
CA GLN B 19 -1.19 9.55 -21.48
C GLN B 19 -0.59 9.60 -22.88
N VAL B 20 -0.42 8.42 -23.48
CA VAL B 20 0.14 8.30 -24.81
C VAL B 20 -0.89 7.59 -25.68
N THR B 21 -1.15 8.18 -26.85
CA THR B 21 -2.09 7.67 -27.83
C THR B 21 -1.41 7.56 -29.21
N CYS B 22 -1.55 6.39 -29.84
CA CYS B 22 -1.23 6.19 -31.24
C CYS B 22 -2.43 5.49 -31.89
N GLY B 23 -3.00 6.13 -32.91
CA GLY B 23 -4.20 5.63 -33.58
C GLY B 23 -5.33 5.44 -32.60
N THR B 24 -5.73 4.17 -32.41
CA THR B 24 -6.84 3.82 -31.54
C THR B 24 -6.38 3.28 -30.17
N THR B 25 -5.06 3.23 -29.96
CA THR B 25 -4.49 2.64 -28.75
C THR B 25 -3.99 3.76 -27.83
N THR B 26 -4.49 3.74 -26.58
CA THR B 26 -4.11 4.66 -25.53
C THR B 26 -3.64 3.91 -24.30
N LEU B 27 -2.52 4.37 -23.70
CA LEU B 27 -1.97 3.78 -22.49
C LEU B 27 -1.21 4.85 -21.75
N ASN B 28 -0.51 4.46 -20.67
CA ASN B 28 0.25 5.40 -19.86
C ASN B 28 1.71 5.49 -20.29
N GLY B 29 2.29 6.68 -20.10
CA GLY B 29 3.71 6.88 -20.31
C GLY B 29 4.33 7.52 -19.09
N LEU B 30 5.67 7.44 -19.04
CA LEU B 30 6.47 8.01 -17.96
C LEU B 30 7.34 9.08 -18.56
N TRP B 31 7.17 10.31 -18.07
CA TRP B 31 7.78 11.52 -18.60
C TRP B 31 8.89 11.97 -17.65
N LEU B 32 10.14 11.74 -18.08
CA LEU B 32 11.34 12.09 -17.32
C LEU B 32 12.22 12.94 -18.22
N ASP B 33 12.56 14.14 -17.74
CA ASP B 33 13.25 15.14 -18.53
C ASP B 33 12.43 15.34 -19.83
N ASP B 34 13.09 15.30 -20.98
CA ASP B 34 12.40 15.51 -22.25
C ASP B 34 12.05 14.22 -22.99
N VAL B 35 11.94 13.11 -22.26
CA VAL B 35 11.56 11.82 -22.82
C VAL B 35 10.35 11.19 -22.14
N VAL B 36 9.48 10.60 -22.95
CA VAL B 36 8.33 9.85 -22.50
C VAL B 36 8.51 8.38 -22.87
N TYR B 37 8.41 7.51 -21.87
CA TYR B 37 8.66 6.05 -21.98
C TYR B 37 7.32 5.32 -21.91
N CYS B 38 7.08 4.38 -22.81
CA CYS B 38 5.84 3.63 -22.80
C CYS B 38 6.01 2.30 -23.52
N PRO B 39 5.09 1.34 -23.33
CA PRO B 39 5.18 0.06 -24.01
C PRO B 39 5.10 0.29 -25.53
N ARG B 40 5.97 -0.38 -26.28
CA ARG B 40 6.04 -0.20 -27.74
C ARG B 40 4.73 -0.68 -28.40
N HIS B 41 3.98 -1.62 -27.78
CA HIS B 41 2.71 -2.04 -28.40
C HIS B 41 1.64 -0.95 -28.54
N VAL B 42 1.95 0.26 -28.04
CA VAL B 42 1.10 1.43 -28.30
C VAL B 42 0.88 1.65 -29.80
N ILE B 43 1.88 1.28 -30.61
CA ILE B 43 1.82 1.50 -32.07
C ILE B 43 1.01 0.43 -32.79
N CYS B 44 0.53 -0.60 -32.09
CA CYS B 44 -0.13 -1.72 -32.73
C CYS B 44 -1.65 -1.67 -32.74
N THR B 45 -2.24 -2.20 -33.82
CA THR B 45 -3.63 -2.61 -33.86
C THR B 45 -3.66 -4.09 -33.46
N SER B 46 -4.87 -4.62 -33.24
CA SER B 46 -5.03 -6.03 -32.87
C SER B 46 -4.46 -6.96 -33.97
N GLU B 47 -4.66 -6.60 -35.24
CA GLU B 47 -4.10 -7.34 -36.37
C GLU B 47 -2.56 -7.47 -36.20
N ASP B 48 -1.91 -6.34 -35.93
CA ASP B 48 -0.46 -6.26 -35.80
C ASP B 48 0.11 -7.18 -34.72
N MET B 49 -0.65 -7.32 -33.63
CA MET B 49 -0.21 -8.07 -32.44
C MET B 49 -0.03 -9.58 -32.67
N LEU B 50 -0.69 -10.12 -33.69
CA LEU B 50 -0.59 -11.53 -33.98
C LEU B 50 0.85 -11.96 -34.29
N ASN B 51 1.51 -11.17 -35.15
CA ASN B 51 2.89 -11.41 -35.47
C ASN B 51 3.62 -10.12 -35.86
N PRO B 52 3.82 -9.21 -34.88
CA PRO B 52 4.32 -7.88 -35.15
C PRO B 52 5.82 -7.92 -35.47
N ASN B 53 6.23 -7.23 -36.52
CA ASN B 53 7.60 -6.81 -36.65
C ASN B 53 7.59 -5.33 -36.31
N TYR B 54 8.03 -5.02 -35.09
CA TYR B 54 7.95 -3.66 -34.51
C TYR B 54 8.87 -2.68 -35.27
N GLU B 55 10.00 -3.16 -35.79
CA GLU B 55 10.89 -2.32 -36.59
C GLU B 55 10.13 -1.85 -37.82
N ASP B 56 9.48 -2.79 -38.49
CA ASP B 56 8.68 -2.53 -39.68
C ASP B 56 7.48 -1.62 -39.34
N LEU B 57 6.78 -1.92 -38.25
CA LEU B 57 5.64 -1.12 -37.84
C LEU B 57 5.98 0.31 -37.44
N LEU B 58 7.10 0.48 -36.76
CA LEU B 58 7.52 1.78 -36.26
C LEU B 58 8.02 2.70 -37.37
N ILE B 59 8.70 2.11 -38.37
CA ILE B 59 9.23 2.87 -39.51
C ILE B 59 8.08 3.53 -40.29
N ARG B 60 6.87 2.94 -40.17
CA ARG B 60 5.62 3.42 -40.81
C ARG B 60 4.99 4.55 -40.00
N LYS B 61 5.57 4.93 -38.86
CA LYS B 61 5.02 5.99 -38.03
C LYS B 61 5.84 7.27 -38.15
N SER B 62 5.18 8.42 -37.99
CA SER B 62 5.84 9.71 -37.81
C SER B 62 5.66 10.24 -36.38
N ASN B 63 6.43 11.28 -36.02
CA ASN B 63 6.30 11.94 -34.72
C ASN B 63 4.86 12.35 -34.44
N HIS B 64 4.19 12.87 -35.47
CA HIS B 64 2.83 13.39 -35.32
C HIS B 64 1.75 12.32 -35.17
N ASN B 65 2.10 11.04 -35.34
CA ASN B 65 1.16 9.94 -35.05
C ASN B 65 0.98 9.69 -33.54
N PHE B 66 1.87 10.27 -32.73
CA PHE B 66 1.81 10.09 -31.27
C PHE B 66 1.24 11.32 -30.58
N LEU B 67 0.15 11.12 -29.85
CA LEU B 67 -0.46 12.16 -29.04
C LEU B 67 -0.09 11.91 -27.58
N VAL B 68 0.69 12.81 -26.99
CA VAL B 68 1.05 12.76 -25.58
C VAL B 68 0.34 13.88 -24.83
N GLN B 69 -0.35 13.52 -23.75
CA GLN B 69 -1.07 14.45 -22.93
C GLN B 69 -0.59 14.38 -21.48
N ALA B 70 -0.12 15.51 -20.95
CA ALA B 70 0.19 15.67 -19.53
C ALA B 70 -0.83 16.63 -18.94
N GLY B 71 -1.59 16.15 -17.96
CA GLY B 71 -2.76 16.85 -17.45
C GLY B 71 -3.68 17.08 -18.63
N ASN B 72 -3.91 18.35 -18.95
CA ASN B 72 -4.68 18.73 -20.12
C ASN B 72 -3.85 19.53 -21.11
N VAL B 73 -2.55 19.19 -21.19
CA VAL B 73 -1.62 19.86 -22.07
C VAL B 73 -0.97 18.84 -23.00
N GLN B 74 -0.99 19.15 -24.30
CA GLN B 74 -0.38 18.32 -25.31
C GLN B 74 1.10 18.65 -25.42
N LEU B 75 1.94 17.62 -25.24
CA LEU B 75 3.36 17.73 -25.43
C LEU B 75 3.65 17.41 -26.88
N ARG B 76 4.54 18.19 -27.50
CA ARG B 76 4.95 18.00 -28.91
C ARG B 76 6.05 16.93 -29.00
N VAL B 77 5.78 15.83 -29.72
CA VAL B 77 6.76 14.81 -30.00
C VAL B 77 7.69 15.27 -31.12
N ILE B 78 9.00 15.28 -30.85
CA ILE B 78 10.00 15.76 -31.79
C ILE B 78 11.01 14.68 -32.20
N GLY B 79 10.83 13.46 -31.68
CA GLY B 79 11.69 12.33 -31.99
C GLY B 79 11.08 11.04 -31.45
N HIS B 80 11.48 9.90 -32.02
CA HIS B 80 11.07 8.63 -31.44
C HIS B 80 12.08 7.55 -31.76
N SER B 81 12.27 6.65 -30.79
CA SER B 81 13.08 5.47 -30.97
C SER B 81 12.53 4.33 -30.16
N MET B 82 12.89 3.11 -30.57
CA MET B 82 12.53 1.93 -29.84
C MET B 82 13.78 1.39 -29.16
N GLN B 83 13.60 0.97 -27.89
CA GLN B 83 14.64 0.28 -27.15
C GLN B 83 14.03 -0.96 -26.59
N ASN B 84 14.37 -2.11 -27.19
CA ASN B 84 13.77 -3.37 -26.78
C ASN B 84 12.24 -3.21 -26.87
N CYS B 85 11.49 -3.45 -25.79
CA CYS B 85 10.02 -3.37 -25.87
C CYS B 85 9.43 -2.05 -25.38
N VAL B 86 10.27 -1.02 -25.20
CA VAL B 86 9.77 0.31 -24.87
C VAL B 86 9.98 1.27 -26.03
N LEU B 87 9.02 2.18 -26.18
CA LEU B 87 9.09 3.31 -27.11
C LEU B 87 9.53 4.51 -26.30
N LYS B 88 10.47 5.28 -26.84
CA LYS B 88 10.93 6.54 -26.26
C LYS B 88 10.53 7.69 -27.18
N LEU B 89 9.72 8.60 -26.66
CA LEU B 89 9.26 9.76 -27.40
C LEU B 89 9.96 10.98 -26.83
N LYS B 90 10.81 11.59 -27.64
CA LYS B 90 11.42 12.85 -27.28
C LYS B 90 10.37 13.92 -27.47
N VAL B 91 10.16 14.74 -26.42
CA VAL B 91 9.20 15.84 -26.43
C VAL B 91 9.95 17.16 -26.29
N ASP B 92 9.31 18.26 -26.70
CA ASP B 92 10.01 19.56 -26.72
C ASP B 92 10.06 20.25 -25.35
N THR B 93 9.45 19.64 -24.33
CA THR B 93 9.41 20.18 -22.98
C THR B 93 9.92 19.15 -21.98
N ALA B 94 10.92 19.54 -21.17
CA ALA B 94 11.42 18.75 -20.06
C ALA B 94 10.38 18.81 -18.93
N ASN B 95 10.10 17.66 -18.31
CA ASN B 95 9.16 17.60 -17.20
C ASN B 95 9.72 18.36 -16.00
N PRO B 96 9.11 19.49 -15.57
CA PRO B 96 9.66 20.26 -14.45
C PRO B 96 9.61 19.52 -13.10
N LYS B 97 8.81 18.46 -13.01
CA LYS B 97 8.66 17.65 -11.81
C LYS B 97 9.54 16.41 -11.81
N THR B 98 10.43 16.30 -12.81
CA THR B 98 11.32 15.15 -12.90
C THR B 98 12.08 14.99 -11.59
N PRO B 99 11.96 13.84 -10.90
CA PRO B 99 12.76 13.59 -9.71
C PRO B 99 14.18 13.15 -10.11
N LYS B 100 15.08 13.04 -9.13
CA LYS B 100 16.31 12.32 -9.31
C LYS B 100 15.86 10.90 -9.56
N TYR B 101 16.42 10.26 -10.59
CA TYR B 101 15.99 8.88 -10.93
C TYR B 101 17.13 8.07 -11.56
N LYS B 102 16.94 6.74 -11.53
CA LYS B 102 17.74 5.83 -12.32
C LYS B 102 16.83 4.70 -12.74
N PHE B 103 17.28 3.92 -13.72
CA PHE B 103 16.60 2.71 -14.14
C PHE B 103 17.42 1.56 -13.66
N VAL B 104 16.77 0.58 -13.01
N VAL B 104 16.74 0.56 -13.09
CA VAL B 104 17.45 -0.62 -12.53
CA VAL B 104 17.36 -0.62 -12.51
C VAL B 104 16.62 -1.84 -12.86
C VAL B 104 16.59 -1.84 -12.92
N ARG B 105 17.31 -2.90 -13.31
CA ARG B 105 16.71 -4.22 -13.57
C ARG B 105 16.89 -5.03 -12.29
N ILE B 106 15.78 -5.45 -11.67
CA ILE B 106 15.80 -6.16 -10.40
C ILE B 106 15.88 -7.66 -10.59
N GLN B 107 16.28 -8.35 -9.51
CA GLN B 107 16.29 -9.78 -9.39
C GLN B 107 14.98 -10.31 -8.80
N PRO B 108 14.66 -11.60 -9.05
CA PRO B 108 13.48 -12.22 -8.44
C PRO B 108 13.66 -12.18 -6.92
N GLY B 109 12.57 -11.95 -6.19
CA GLY B 109 12.61 -11.75 -4.76
C GLY B 109 12.62 -10.31 -4.28
N GLN B 110 12.98 -9.38 -5.17
N GLN B 110 13.03 -9.38 -5.15
CA GLN B 110 13.01 -7.97 -4.82
CA GLN B 110 13.06 -7.96 -4.81
C GLN B 110 11.60 -7.40 -4.92
C GLN B 110 11.60 -7.45 -4.87
N THR B 111 11.29 -6.46 -4.04
CA THR B 111 9.99 -5.86 -3.95
C THR B 111 10.04 -4.47 -4.52
N PHE B 112 8.86 -3.93 -4.87
CA PHE B 112 8.78 -2.57 -5.37
C PHE B 112 7.35 -2.10 -5.24
N SER B 113 7.18 -0.78 -5.28
CA SER B 113 5.86 -0.17 -5.30
C SER B 113 5.38 -0.02 -6.74
N VAL B 114 4.07 -0.19 -6.95
CA VAL B 114 3.42 0.01 -8.23
C VAL B 114 2.43 1.16 -8.11
N LEU B 115 2.51 2.12 -9.03
CA LEU B 115 1.52 3.16 -9.13
C LEU B 115 0.65 2.80 -10.34
N ALA B 116 -0.52 2.21 -10.06
CA ALA B 116 -1.48 1.87 -11.11
C ALA B 116 -2.15 3.14 -11.64
N CYS B 117 -2.18 3.26 -12.97
CA CYS B 117 -2.69 4.42 -13.67
C CYS B 117 -3.57 4.02 -14.81
N TYR B 118 -4.47 4.92 -15.17
CA TYR B 118 -5.41 4.82 -16.32
C TYR B 118 -5.50 6.20 -16.97
N ASN B 119 -5.27 6.26 -18.29
CA ASN B 119 -5.35 7.48 -19.02
C ASN B 119 -4.42 8.59 -18.47
N GLY B 120 -3.22 8.16 -18.09
CA GLY B 120 -2.22 9.01 -17.50
C GLY B 120 -2.51 9.52 -16.07
N SER B 121 -3.57 8.99 -15.43
CA SER B 121 -4.02 9.45 -14.11
C SER B 121 -3.86 8.39 -13.02
N PRO B 122 -3.17 8.70 -11.91
CA PRO B 122 -2.93 7.71 -10.84
C PRO B 122 -4.23 7.20 -10.21
N SER B 123 -4.35 5.88 -10.04
CA SER B 123 -5.50 5.25 -9.41
C SER B 123 -5.17 4.75 -7.98
N GLY B 124 -3.98 4.18 -7.80
CA GLY B 124 -3.62 3.59 -6.53
C GLY B 124 -2.18 3.11 -6.50
N VAL B 125 -1.70 2.89 -5.28
CA VAL B 125 -0.37 2.45 -5.02
C VAL B 125 -0.41 1.20 -4.16
N TYR B 126 0.40 0.23 -4.54
CA TYR B 126 0.54 -1.03 -3.76
C TYR B 126 1.95 -1.59 -3.94
N GLN B 127 2.27 -2.55 -3.07
CA GLN B 127 3.60 -3.12 -2.97
C GLN B 127 3.51 -4.52 -3.54
N CYS B 128 4.53 -4.94 -4.30
N CYS B 128 4.56 -4.90 -4.28
CA CYS B 128 4.59 -6.32 -4.74
CA CYS B 128 4.66 -6.16 -5.03
C CYS B 128 6.02 -6.78 -4.86
C CYS B 128 6.03 -6.80 -4.78
N ALA B 129 6.20 -8.04 -5.23
CA ALA B 129 7.53 -8.64 -5.41
C ALA B 129 7.62 -9.21 -6.82
N MET B 130 8.84 -9.20 -7.37
CA MET B 130 9.12 -9.95 -8.57
C MET B 130 9.20 -11.39 -8.09
N ARG B 131 8.24 -12.21 -8.55
CA ARG B 131 8.19 -13.65 -8.22
C ARG B 131 9.37 -14.37 -8.88
N PRO B 132 9.80 -15.52 -8.32
CA PRO B 132 10.82 -16.37 -8.96
C PRO B 132 10.50 -16.76 -10.42
N ASN B 133 9.21 -16.84 -10.78
CA ASN B 133 8.79 -17.10 -12.15
C ASN B 133 8.64 -15.84 -12.98
N PHE B 134 9.12 -14.70 -12.45
CA PHE B 134 9.21 -13.42 -13.19
C PHE B 134 7.84 -12.85 -13.59
N THR B 135 6.84 -13.11 -12.75
CA THR B 135 5.56 -12.44 -12.83
C THR B 135 5.42 -11.64 -11.57
N ILE B 136 4.41 -10.78 -11.54
CA ILE B 136 4.04 -10.11 -10.29
C ILE B 136 2.56 -10.32 -10.05
N LYS B 137 2.19 -10.44 -8.77
CA LYS B 137 0.80 -10.56 -8.35
C LYS B 137 0.25 -9.17 -8.14
N GLY B 138 -0.11 -8.50 -9.24
CA GLY B 138 -0.59 -7.13 -9.16
C GLY B 138 -2.09 -7.01 -9.20
N SER B 139 -2.56 -5.78 -9.43
CA SER B 139 -3.96 -5.46 -9.60
C SER B 139 -4.01 -4.42 -10.73
N PHE B 140 -4.45 -4.87 -11.91
CA PHE B 140 -4.36 -4.10 -13.13
C PHE B 140 -5.56 -4.43 -14.00
N LEU B 141 -6.23 -3.40 -14.51
CA LEU B 141 -7.32 -3.55 -15.46
C LEU B 141 -6.80 -3.14 -16.82
N ASN B 142 -7.56 -3.45 -17.86
CA ASN B 142 -7.22 -2.96 -19.19
C ASN B 142 -7.13 -1.44 -19.15
N GLY B 143 -6.08 -0.89 -19.80
CA GLY B 143 -5.74 0.52 -19.73
C GLY B 143 -4.53 0.82 -18.85
N SER B 144 -4.10 -0.14 -18.03
CA SER B 144 -3.03 0.08 -17.07
C SER B 144 -1.62 -0.01 -17.65
N CYS B 145 -1.52 -0.44 -18.90
CA CYS B 145 -0.22 -0.49 -19.55
C CYS B 145 0.55 0.80 -19.40
N GLY B 146 1.85 0.66 -19.11
CA GLY B 146 2.71 1.80 -18.90
C GLY B 146 2.78 2.26 -17.46
N SER B 147 1.93 1.72 -16.58
CA SER B 147 2.10 1.93 -15.13
C SER B 147 3.46 1.39 -14.73
N VAL B 148 4.10 2.02 -13.73
CA VAL B 148 5.44 1.65 -13.37
C VAL B 148 5.60 1.19 -11.93
N GLY B 149 6.66 0.41 -11.73
CA GLY B 149 7.08 -0.07 -10.42
C GLY B 149 8.39 0.63 -10.06
N PHE B 150 8.59 0.88 -8.77
CA PHE B 150 9.71 1.67 -8.32
C PHE B 150 10.08 1.45 -6.85
N ASN B 151 11.31 1.86 -6.53
CA ASN B 151 11.78 2.01 -5.14
C ASN B 151 12.31 3.40 -4.98
N ILE B 152 12.34 3.89 -3.74
CA ILE B 152 12.90 5.19 -3.46
C ILE B 152 13.96 5.07 -2.37
N ASP B 153 15.13 5.66 -2.61
CA ASP B 153 16.20 5.77 -1.61
C ASP B 153 16.55 7.25 -1.46
N TYR B 154 16.34 7.76 -0.24
CA TYR B 154 16.37 9.20 0.11
C TYR B 154 15.49 9.94 -0.91
N ASP B 155 16.07 10.60 -1.91
CA ASP B 155 15.34 11.43 -2.86
C ASP B 155 15.37 10.85 -4.28
N CSO B 156 15.94 9.65 -4.44
CA CSO B 156 16.22 9.04 -5.78
CB CSO B 156 17.62 8.51 -5.86
SG CSO B 156 17.98 7.63 -7.42
C CSO B 156 15.21 7.92 -6.09
O CSO B 156 15.13 6.96 -5.31
OD CSO B 156 18.49 8.79 -8.45
N VAL B 157 14.51 8.04 -7.23
CA VAL B 157 13.56 7.04 -7.66
C VAL B 157 14.27 6.04 -8.58
N SER B 158 14.30 4.77 -8.18
CA SER B 158 14.79 3.69 -9.02
C SER B 158 13.60 2.99 -9.64
N PHE B 159 13.39 3.25 -10.92
CA PHE B 159 12.32 2.61 -11.66
C PHE B 159 12.78 1.24 -12.10
N CYS B 160 11.95 0.23 -11.84
CA CYS B 160 12.34 -1.16 -12.13
C CYS B 160 11.36 -1.98 -12.96
N TYR B 161 10.14 -1.46 -13.19
CA TYR B 161 9.06 -2.20 -13.87
C TYR B 161 8.18 -1.24 -14.69
N MET B 162 7.86 -1.66 -15.91
CA MET B 162 6.76 -1.07 -16.65
C MET B 162 5.80 -2.20 -17.02
N HIS B 163 4.52 -1.97 -16.77
CA HIS B 163 3.48 -2.98 -16.99
C HIS B 163 3.10 -3.14 -18.46
N HIS B 164 3.05 -4.39 -18.95
CA HIS B 164 2.62 -4.70 -20.33
C HIS B 164 1.40 -5.62 -20.48
N MET B 165 1.21 -6.57 -19.56
CA MET B 165 0.30 -7.69 -19.88
C MET B 165 -0.09 -8.50 -18.68
N GLU B 166 -1.17 -9.26 -18.86
CA GLU B 166 -1.70 -10.18 -17.86
C GLU B 166 -1.70 -11.57 -18.47
N LEU B 167 -1.40 -12.57 -17.64
CA LEU B 167 -1.35 -13.97 -18.04
C LEU B 167 -2.64 -14.68 -17.63
N PRO B 168 -2.93 -15.88 -18.18
CA PRO B 168 -4.21 -16.56 -17.92
C PRO B 168 -4.56 -16.73 -16.44
N THR B 169 -3.55 -16.88 -15.58
CA THR B 169 -3.77 -17.08 -14.17
C THR B 169 -4.06 -15.77 -13.43
N GLY B 170 -4.11 -14.65 -14.16
CA GLY B 170 -4.38 -13.35 -13.57
C GLY B 170 -3.18 -12.60 -12.98
N VAL B 171 -1.98 -13.17 -13.09
CA VAL B 171 -0.74 -12.50 -12.73
C VAL B 171 -0.25 -11.68 -13.92
N HIS B 172 0.77 -10.87 -13.68
CA HIS B 172 1.18 -9.79 -14.55
C HIS B 172 2.63 -9.89 -14.95
N ALA B 173 2.93 -9.42 -16.18
CA ALA B 173 4.27 -9.46 -16.73
C ALA B 173 4.54 -8.12 -17.40
N GLY B 174 5.81 -7.75 -17.42
CA GLY B 174 6.27 -6.49 -17.93
C GLY B 174 7.78 -6.44 -18.06
N THR B 175 8.29 -5.23 -18.31
CA THR B 175 9.68 -5.01 -18.60
C THR B 175 10.33 -4.13 -17.54
N ASP B 176 11.66 -4.03 -17.61
CA ASP B 176 12.40 -2.97 -16.98
C ASP B 176 12.17 -1.69 -17.81
N LEU B 177 12.71 -0.56 -17.35
CA LEU B 177 12.50 0.72 -18.00
C LEU B 177 13.32 0.87 -19.28
N GLU B 178 14.18 -0.12 -19.59
CA GLU B 178 14.85 -0.23 -20.89
C GLU B 178 14.17 -1.25 -21.81
N GLY B 179 12.97 -1.72 -21.44
CA GLY B 179 12.10 -2.53 -22.27
C GLY B 179 12.45 -4.01 -22.39
N ASN B 180 13.29 -4.53 -21.48
CA ASN B 180 13.58 -5.95 -21.48
C ASN B 180 12.59 -6.61 -20.57
N PHE B 181 11.82 -7.59 -21.07
CA PHE B 181 10.90 -8.32 -20.24
C PHE B 181 11.64 -9.02 -19.11
N TYR B 182 10.97 -9.06 -17.95
CA TYR B 182 11.23 -10.06 -16.90
C TYR B 182 10.61 -11.38 -17.37
N GLY B 183 11.40 -12.45 -17.39
CA GLY B 183 10.93 -13.76 -17.76
C GLY B 183 10.92 -13.95 -19.26
N PRO B 184 10.36 -15.08 -19.75
CA PRO B 184 10.41 -15.43 -21.16
C PRO B 184 9.32 -14.78 -22.03
N PHE B 185 8.59 -13.82 -21.47
CA PHE B 185 7.40 -13.29 -22.13
C PHE B 185 7.75 -12.36 -23.28
N VAL B 186 6.80 -12.27 -24.23
CA VAL B 186 6.95 -11.46 -25.42
C VAL B 186 5.70 -10.62 -25.64
N ASP B 187 5.87 -9.45 -26.28
CA ASP B 187 4.76 -8.55 -26.58
C ASP B 187 4.15 -8.87 -27.94
N ARG B 188 3.65 -10.10 -28.05
CA ARG B 188 2.95 -10.68 -29.23
C ARG B 188 1.74 -11.44 -28.70
N GLN B 189 0.62 -11.39 -29.43
CA GLN B 189 -0.58 -12.11 -29.07
C GLN B 189 -0.41 -13.58 -29.46
N THR B 190 0.04 -14.39 -28.49
CA THR B 190 0.33 -15.80 -28.66
C THR B 190 0.23 -16.43 -27.27
N ALA B 191 -0.01 -17.74 -27.21
CA ALA B 191 -0.23 -18.41 -25.92
C ALA B 191 0.99 -18.27 -25.03
N GLN B 192 0.76 -17.75 -23.82
CA GLN B 192 1.79 -17.59 -22.82
C GLN B 192 1.20 -17.96 -21.47
N ALA B 193 2.05 -18.47 -20.59
CA ALA B 193 1.63 -18.89 -19.26
C ALA B 193 2.76 -18.69 -18.25
N ALA B 194 2.37 -18.39 -17.01
CA ALA B 194 3.30 -18.33 -15.89
C ALA B 194 3.78 -19.73 -15.62
N GLY B 195 5.08 -19.87 -15.32
CA GLY B 195 5.63 -21.12 -14.88
C GLY B 195 5.25 -21.38 -13.44
N THR B 196 5.58 -22.57 -12.96
CA THR B 196 5.38 -22.92 -11.57
C THR B 196 6.26 -21.97 -10.76
N ASP B 197 5.69 -21.43 -9.69
CA ASP B 197 6.36 -20.44 -8.89
C ASP B 197 6.89 -21.12 -7.62
N THR B 198 7.77 -20.41 -6.91
CA THR B 198 8.38 -20.90 -5.69
C THR B 198 8.29 -19.80 -4.64
N THR B 199 8.52 -20.19 -3.37
CA THR B 199 8.47 -19.23 -2.30
C THR B 199 9.86 -18.62 -2.05
N ILE B 200 9.87 -17.31 -1.80
CA ILE B 200 11.10 -16.55 -1.60
C ILE B 200 11.57 -16.69 -0.15
N THR B 201 12.42 -17.69 0.07
CA THR B 201 12.84 -18.13 1.39
C THR B 201 13.45 -17.02 2.24
N VAL B 202 14.41 -16.27 1.67
CA VAL B 202 15.06 -15.19 2.39
C VAL B 202 14.04 -14.17 2.94
N ASN B 203 12.99 -13.91 2.18
CA ASN B 203 11.96 -12.95 2.56
C ASN B 203 11.10 -13.50 3.72
N VAL B 204 10.77 -14.80 3.67
CA VAL B 204 9.99 -15.40 4.74
C VAL B 204 10.78 -15.27 6.03
N LEU B 205 12.09 -15.56 5.95
CA LEU B 205 12.95 -15.45 7.13
C LEU B 205 12.92 -14.02 7.63
N ALA B 206 13.01 -13.05 6.71
CA ALA B 206 12.97 -11.65 7.09
C ALA B 206 11.69 -11.29 7.84
N TRP B 207 10.58 -11.87 7.41
CA TRP B 207 9.26 -11.56 7.94
C TRP B 207 9.12 -12.22 9.32
N LEU B 208 9.72 -13.41 9.46
CA LEU B 208 9.78 -14.02 10.79
C LEU B 208 10.56 -13.16 11.79
N TYR B 209 11.64 -12.51 11.33
CA TYR B 209 12.43 -11.55 12.15
C TYR B 209 11.53 -10.33 12.48
N ALA B 210 10.74 -9.88 11.50
CA ALA B 210 9.80 -8.78 11.74
C ALA B 210 8.84 -9.14 12.89
N ALA B 211 8.37 -10.39 12.87
CA ALA B 211 7.44 -10.88 13.88
C ALA B 211 8.09 -10.83 15.27
N VAL B 212 9.35 -11.28 15.34
CA VAL B 212 10.09 -11.26 16.60
C VAL B 212 10.29 -9.83 17.07
N ILE B 213 10.72 -8.95 16.15
CA ILE B 213 10.94 -7.54 16.48
C ILE B 213 9.68 -6.93 17.11
N ASN B 214 8.51 -7.32 16.58
CA ASN B 214 7.22 -6.82 17.05
C ASN B 214 6.65 -7.56 18.26
N GLY B 215 7.42 -8.50 18.80
CA GLY B 215 7.12 -9.10 20.07
C GLY B 215 6.57 -10.50 20.03
N ASP B 216 6.47 -11.09 18.84
CA ASP B 216 6.00 -12.47 18.76
C ASP B 216 7.14 -13.50 18.58
N ARG B 217 7.16 -14.51 19.48
CA ARG B 217 8.19 -15.59 19.49
C ARG B 217 7.58 -16.99 19.40
N TRP B 218 6.26 -17.18 19.25
CA TRP B 218 5.64 -18.52 19.48
C TRP B 218 6.21 -19.64 18.63
N PHE B 219 6.66 -19.28 17.42
CA PHE B 219 7.15 -20.21 16.39
C PHE B 219 8.62 -20.57 16.54
N LEU B 220 9.31 -19.95 17.50
CA LEU B 220 10.73 -20.23 17.71
C LEU B 220 10.86 -21.59 18.38
N ASN B 221 12.08 -22.14 18.33
CA ASN B 221 12.40 -23.37 19.00
C ASN B 221 13.86 -23.39 19.43
N ARG B 222 14.27 -24.46 20.11
CA ARG B 222 15.61 -24.57 20.73
C ARG B 222 16.64 -25.14 19.75
N PHE B 223 16.25 -25.43 18.50
CA PHE B 223 17.08 -26.22 17.58
C PHE B 223 17.81 -25.28 16.64
N THR B 224 18.84 -25.81 15.98
CA THR B 224 19.48 -25.14 14.88
C THR B 224 19.41 -26.09 13.68
N THR B 225 19.91 -25.61 12.54
CA THR B 225 20.10 -26.45 11.38
C THR B 225 21.37 -26.03 10.63
N THR B 226 21.78 -26.87 9.68
CA THR B 226 22.81 -26.48 8.73
C THR B 226 22.10 -25.98 7.49
N LEU B 227 22.80 -25.14 6.74
CA LEU B 227 22.29 -24.62 5.50
C LEU B 227 21.86 -25.74 4.53
N ASN B 228 22.71 -26.77 4.40
CA ASN B 228 22.43 -27.94 3.57
C ASN B 228 21.18 -28.67 4.00
N ASP B 229 21.09 -28.99 5.30
CA ASP B 229 19.93 -29.68 5.84
C ASP B 229 18.67 -28.85 5.65
N PHE B 230 18.80 -27.53 5.83
CA PHE B 230 17.64 -26.65 5.67
C PHE B 230 17.15 -26.70 4.22
N ASN B 231 18.09 -26.54 3.27
CA ASN B 231 17.75 -26.53 1.85
C ASN B 231 17.13 -27.83 1.35
N LEU B 232 17.48 -28.95 2.01
CA LEU B 232 16.85 -30.23 1.71
C LEU B 232 15.37 -30.15 2.01
N VAL B 233 15.03 -29.60 3.18
CA VAL B 233 13.62 -29.43 3.56
C VAL B 233 12.94 -28.38 2.68
N ALA B 234 13.62 -27.27 2.39
CA ALA B 234 13.10 -26.20 1.54
C ALA B 234 12.68 -26.73 0.17
N MET B 235 13.59 -27.43 -0.50
CA MET B 235 13.34 -28.05 -1.80
C MET B 235 11.98 -28.74 -1.80
N LYS B 236 11.71 -29.53 -0.75
CA LYS B 236 10.50 -30.33 -0.62
C LYS B 236 9.21 -29.53 -0.59
N TYR B 237 9.27 -28.30 -0.07
CA TYR B 237 8.08 -27.42 0.10
C TYR B 237 8.07 -26.33 -0.96
N ASN B 238 8.88 -26.47 -2.01
CA ASN B 238 8.94 -25.52 -3.12
C ASN B 238 9.35 -24.13 -2.67
N TYR B 239 10.33 -24.08 -1.78
CA TYR B 239 11.03 -22.85 -1.33
C TYR B 239 12.32 -22.73 -2.13
N GLU B 240 12.74 -21.49 -2.41
CA GLU B 240 14.00 -21.21 -3.07
C GLU B 240 15.15 -21.63 -2.17
N PRO B 241 16.30 -22.10 -2.73
CA PRO B 241 17.50 -22.33 -1.93
C PRO B 241 17.89 -21.04 -1.19
N LEU B 242 18.39 -21.19 0.04
CA LEU B 242 18.98 -20.10 0.78
C LEU B 242 20.49 -20.24 0.59
N THR B 243 21.12 -19.16 0.16
CA THR B 243 22.55 -19.08 -0.04
C THR B 243 23.22 -18.42 1.16
N GLN B 244 24.54 -18.52 1.21
CA GLN B 244 25.32 -17.81 2.21
C GLN B 244 25.14 -16.32 2.06
N ASP B 245 24.95 -15.84 0.81
CA ASP B 245 24.69 -14.42 0.59
C ASP B 245 23.42 -13.97 1.30
N HIS B 246 22.36 -14.76 1.18
CA HIS B 246 21.12 -14.50 1.92
C HIS B 246 21.37 -14.48 3.44
N VAL B 247 22.20 -15.39 3.93
CA VAL B 247 22.49 -15.48 5.37
C VAL B 247 23.19 -14.18 5.83
N ASP B 248 24.16 -13.72 5.02
CA ASP B 248 24.88 -12.47 5.28
C ASP B 248 23.90 -11.29 5.28
N ILE B 249 23.00 -11.27 4.30
CA ILE B 249 22.01 -10.20 4.17
C ILE B 249 21.11 -10.12 5.42
N LEU B 250 20.83 -11.28 6.02
CA LEU B 250 20.00 -11.37 7.23
C LEU B 250 20.78 -11.02 8.51
N GLY B 251 22.09 -10.77 8.36
CA GLY B 251 22.95 -10.42 9.49
C GLY B 251 22.38 -9.37 10.43
N PRO B 252 22.07 -8.15 9.95
CA PRO B 252 21.55 -7.09 10.80
C PRO B 252 20.32 -7.50 11.62
N LEU B 253 19.37 -8.20 10.98
CA LEU B 253 18.13 -8.64 11.67
C LEU B 253 18.43 -9.67 12.73
N SER B 254 19.33 -10.62 12.39
CA SER B 254 19.88 -11.57 13.35
C SER B 254 20.50 -10.89 14.58
N ALA B 255 21.33 -9.87 14.34
CA ALA B 255 22.04 -9.17 15.40
C ALA B 255 21.04 -8.43 16.29
N GLN B 256 20.08 -7.77 15.65
CA GLN B 256 19.08 -6.98 16.37
C GLN B 256 18.21 -7.83 17.30
N THR B 257 17.89 -9.05 16.88
CA THR B 257 16.99 -9.94 17.61
C THR B 257 17.75 -10.94 18.47
N GLY B 258 19.05 -11.11 18.22
CA GLY B 258 19.86 -12.11 18.89
C GLY B 258 19.49 -13.55 18.54
N ILE B 259 18.87 -13.75 17.38
CA ILE B 259 18.53 -15.08 16.88
C ILE B 259 19.37 -15.36 15.65
N ALA B 260 20.28 -16.35 15.77
CA ALA B 260 21.16 -16.73 14.66
C ALA B 260 20.31 -17.10 13.46
N VAL B 261 20.79 -16.76 12.26
CA VAL B 261 20.06 -17.03 11.03
C VAL B 261 19.68 -18.50 10.92
N LEU B 262 20.64 -19.38 11.21
CA LEU B 262 20.40 -20.82 11.12
C LEU B 262 19.41 -21.32 12.22
N ASP B 263 19.28 -20.57 13.31
CA ASP B 263 18.25 -20.85 14.33
C ASP B 263 16.85 -20.51 13.82
N MET B 264 16.72 -19.37 13.13
CA MET B 264 15.45 -18.99 12.50
C MET B 264 15.12 -19.97 11.39
N CYS B 265 16.13 -20.46 10.67
CA CYS B 265 15.95 -21.52 9.66
C CYS B 265 15.38 -22.79 10.31
N ALA B 266 15.86 -23.13 11.51
CA ALA B 266 15.33 -24.26 12.24
C ALA B 266 13.84 -24.06 12.58
N SER B 267 13.47 -22.83 12.96
CA SER B 267 12.07 -22.47 13.21
C SER B 267 11.22 -22.57 11.95
N LEU B 268 11.72 -22.05 10.83
CA LEU B 268 11.02 -22.12 9.56
C LEU B 268 10.82 -23.58 9.14
N LYS B 269 11.89 -24.38 9.25
CA LYS B 269 11.83 -25.81 8.96
C LYS B 269 10.68 -26.48 9.71
N GLU B 270 10.61 -26.23 11.02
CA GLU B 270 9.54 -26.77 11.85
C GLU B 270 8.17 -26.28 11.36
N LEU B 271 8.07 -24.98 11.02
CA LEU B 271 6.81 -24.42 10.51
C LEU B 271 6.37 -25.11 9.22
N LEU B 272 7.33 -25.38 8.32
CA LEU B 272 7.04 -26.09 7.07
C LEU B 272 6.58 -27.51 7.31
N GLN B 273 7.19 -28.20 8.28
CA GLN B 273 6.89 -29.60 8.56
C GLN B 273 5.59 -29.79 9.35
N ASN B 274 5.31 -28.90 10.30
CA ASN B 274 4.15 -29.03 11.17
C ASN B 274 3.00 -28.06 10.89
N GLY B 275 3.24 -27.04 10.07
CA GLY B 275 2.26 -25.99 9.85
C GLY B 275 2.16 -25.09 11.06
N MET B 276 1.26 -24.12 10.99
CA MET B 276 1.05 -23.13 12.02
C MET B 276 -0.01 -23.54 13.03
N ASN B 277 -0.79 -24.57 12.66
CA ASN B 277 -1.76 -25.18 13.55
C ASN B 277 -2.81 -24.18 14.06
N GLY B 278 -3.34 -23.37 13.13
CA GLY B 278 -4.36 -22.39 13.43
C GLY B 278 -3.88 -21.11 14.12
N ARG B 279 -2.57 -21.00 14.38
CA ARG B 279 -1.97 -19.74 14.91
C ARG B 279 -1.67 -18.81 13.74
N THR B 280 -1.46 -17.52 14.03
CA THR B 280 -1.11 -16.53 13.01
C THR B 280 0.23 -15.89 13.35
N ILE B 281 0.86 -15.30 12.34
CA ILE B 281 2.08 -14.51 12.51
C ILE B 281 1.84 -13.17 11.85
N LEU B 282 1.93 -12.11 12.65
CA LEU B 282 1.65 -10.75 12.17
C LEU B 282 0.34 -10.70 11.39
N GLY B 283 -0.69 -11.33 11.97
CA GLY B 283 -2.04 -11.33 11.42
C GLY B 283 -2.25 -12.21 10.21
N SER B 284 -1.25 -13.03 9.86
CA SER B 284 -1.30 -13.86 8.66
C SER B 284 -1.34 -15.33 9.04
N ALA B 285 -2.20 -16.10 8.36
CA ALA B 285 -2.29 -17.55 8.54
C ALA B 285 -1.40 -18.31 7.56
N LEU B 286 -0.71 -17.58 6.68
CA LEU B 286 0.26 -18.11 5.73
C LEU B 286 1.60 -17.43 5.93
N LEU B 287 2.67 -18.10 5.53
CA LEU B 287 4.01 -17.53 5.61
C LEU B 287 4.13 -16.54 4.46
N GLU B 288 4.48 -15.30 4.78
CA GLU B 288 4.51 -14.20 3.85
C GLU B 288 5.91 -14.05 3.25
N ASP B 289 5.99 -13.90 1.92
CA ASP B 289 7.30 -13.82 1.27
C ASP B 289 7.52 -12.60 0.40
N GLU B 290 6.73 -11.53 0.62
CA GLU B 290 6.91 -10.30 -0.14
C GLU B 290 7.43 -9.13 0.67
N PHE B 291 8.20 -9.44 1.74
CA PHE B 291 8.98 -8.44 2.43
C PHE B 291 10.44 -8.89 2.36
N THR B 292 11.29 -8.05 1.76
CA THR B 292 12.73 -8.28 1.81
C THR B 292 13.35 -7.97 3.16
N PRO B 293 14.58 -8.43 3.47
CA PRO B 293 15.28 -8.01 4.68
C PRO B 293 15.41 -6.47 4.79
N PHE B 294 15.60 -5.78 3.66
CA PHE B 294 15.68 -4.33 3.64
C PHE B 294 14.33 -3.72 4.02
N ASP B 295 13.24 -4.28 3.51
CA ASP B 295 11.88 -3.78 3.80
C ASP B 295 11.65 -3.87 5.32
N VAL B 296 12.07 -5.00 5.91
CA VAL B 296 11.86 -5.22 7.34
C VAL B 296 12.63 -4.18 8.14
N VAL B 297 13.89 -3.97 7.78
CA VAL B 297 14.75 -3.01 8.48
C VAL B 297 14.20 -1.59 8.35
N ARG B 298 13.74 -1.23 7.15
CA ARG B 298 13.15 0.11 6.87
C ARG B 298 11.91 0.33 7.75
N GLN B 299 11.01 -0.66 7.84
CA GLN B 299 9.73 -0.47 8.48
C GLN B 299 9.81 -0.61 9.99
N CYS B 300 10.56 -1.61 10.46
CA CYS B 300 10.72 -1.89 11.91
C CYS B 300 11.71 -0.96 12.66
N SER B 301 12.61 -0.31 11.90
CA SER B 301 13.66 0.58 12.44
C SER B 301 13.52 1.97 11.84
N GLY B 302 13.94 2.99 12.59
CA GLY B 302 13.93 4.38 12.16
C GLY B 302 13.05 5.26 13.03
C ACE C 1 -4.87 -11.62 -21.68
O ACE C 1 -5.69 -11.50 -22.60
CH3 ACE C 1 -5.19 -12.47 -20.46
N DTY C 2 -3.67 -11.04 -21.68
CA DTY C 2 -3.12 -10.37 -22.84
C DTY C 2 -2.78 -8.93 -22.47
O DTY C 2 -2.51 -8.66 -21.27
CB DTY C 2 -1.85 -11.08 -23.30
CG DTY C 2 -1.96 -12.58 -23.43
CD1 DTY C 2 -1.28 -13.41 -22.56
CD2 DTY C 2 -2.73 -13.18 -24.41
CE1 DTY C 2 -1.36 -14.79 -22.66
CE2 DTY C 2 -2.83 -14.55 -24.53
CZ DTY C 2 -2.14 -15.36 -23.64
OH DTY C 2 -2.23 -16.73 -23.75
N PHE C 3 -2.82 -8.04 -23.44
CA PHE C 3 -2.19 -6.74 -23.28
C PHE C 3 -3.12 -5.71 -22.65
N HIS C 4 -2.59 -4.97 -21.67
CA HIS C 4 -3.39 -3.98 -20.91
C HIS C 4 -3.32 -2.61 -21.55
N II7 C 5 -3.19 -2.56 -22.88
CA II7 C 5 -3.31 -1.33 -23.62
C2 II7 C 5 -4.57 -0.45 -23.46
C3 II7 C 5 -4.94 -0.72 -24.94
C II7 C 5 -6.22 -1.51 -25.15
O II7 C 5 -6.19 -2.72 -25.44
C4 II7 C 5 -3.59 -1.45 -25.13
N LEU C 6 -7.33 -0.80 -25.02
CA LEU C 6 -8.66 -1.38 -24.96
C LEU C 6 -9.09 -2.17 -26.20
N ASN C 7 -8.37 -1.97 -27.31
CA ASN C 7 -8.68 -2.64 -28.58
C ASN C 7 -7.81 -3.87 -28.88
N LEU C 8 -6.89 -4.20 -27.96
CA LEU C 8 -5.86 -5.20 -28.22
C LEU C 8 -6.18 -6.61 -27.69
N GLY C 9 -7.44 -6.84 -27.34
CA GLY C 9 -8.02 -8.17 -27.24
C GLY C 9 -7.80 -8.88 -25.91
N TYR C 10 -7.45 -8.12 -24.88
CA TYR C 10 -7.31 -8.65 -23.49
C TYR C 10 -8.62 -9.35 -23.11
N ARG C 11 -8.51 -10.57 -22.60
CA ARG C 11 -9.64 -11.39 -22.11
C ARG C 11 -9.25 -11.99 -20.76
N PRO C 12 -9.95 -11.65 -19.65
CA PRO C 12 -9.65 -12.27 -18.35
C PRO C 12 -9.63 -13.80 -18.48
N GLY C 13 -8.56 -14.46 -18.01
CA GLY C 13 -8.46 -15.90 -18.11
C GLY C 13 -7.81 -16.43 -19.35
N CYS C 14 -7.53 -15.53 -20.32
CA CYS C 14 -6.72 -15.90 -21.49
C CYS C 14 -7.57 -16.37 -22.65
N NH2 C 15 -8.88 -16.34 -22.48
C ACE D 1 2.87 3.56 24.82
O ACE D 1 3.80 3.81 25.58
CH3 ACE D 1 2.55 2.15 24.43
N DTY D 2 2.05 4.49 24.30
CA DTY D 2 2.02 5.89 24.69
C DTY D 2 2.24 6.75 23.44
O DTY D 2 1.91 6.29 22.33
CB DTY D 2 0.67 6.26 25.30
CG DTY D 2 0.17 5.30 26.34
CD1 DTY D 2 -0.90 4.46 26.09
CD2 DTY D 2 0.75 5.25 27.60
CE1 DTY D 2 -1.37 3.58 27.07
CE2 DTY D 2 0.27 4.40 28.59
CZ DTY D 2 -0.79 3.56 28.32
OH DTY D 2 -1.26 2.71 29.28
N PHE D 3 2.80 7.94 23.64
CA PHE D 3 2.76 8.95 22.60
C PHE D 3 3.94 8.81 21.62
N HIS D 4 3.64 8.90 20.32
CA HIS D 4 4.64 8.70 19.26
C HIS D 4 5.32 10.01 18.86
N II7 D 5 5.52 10.89 19.86
CA II7 D 5 6.32 12.08 19.73
C2 II7 D 5 7.78 11.96 19.28
C3 II7 D 5 8.26 12.58 20.60
C II7 D 5 9.17 11.68 21.42
O II7 D 5 8.72 10.92 22.29
C4 II7 D 5 6.80 12.74 21.05
N LEU D 6 10.45 11.75 21.09
CA LEU D 6 11.44 10.79 21.55
C LEU D 6 11.41 10.64 23.07
N ASN D 7 11.23 11.76 23.79
CA ASN D 7 11.37 11.80 25.24
C ASN D 7 10.07 11.83 26.05
N LEU D 8 8.96 11.49 25.39
CA LEU D 8 7.64 11.44 26.03
C LEU D 8 7.22 10.04 26.50
N GLY D 9 8.17 9.11 26.57
CA GLY D 9 8.08 7.93 27.40
C GLY D 9 7.38 6.75 26.80
N TYR D 10 7.23 6.74 25.45
CA TYR D 10 6.61 5.60 24.73
C TYR D 10 7.38 4.32 25.09
N ARG D 11 6.64 3.27 25.43
CA ARG D 11 7.16 1.93 25.78
C ARG D 11 6.33 0.89 25.04
N PRO D 12 6.93 0.10 24.11
CA PRO D 12 6.20 -0.98 23.45
C PRO D 12 5.53 -1.88 24.48
N GLY D 13 4.23 -2.18 24.32
CA GLY D 13 3.52 -3.02 25.28
C GLY D 13 2.97 -2.30 26.49
N CYS D 14 3.35 -1.02 26.67
CA CYS D 14 2.63 -0.14 27.59
C CYS D 14 3.26 -0.17 28.97
N NH2 D 15 4.55 -0.44 29.04
C1 PEG E . -0.36 -4.66 -1.29
O1 PEG E . -1.16 -5.73 -0.79
C2 PEG E . -0.28 -3.52 -0.30
O2 PEG E . 0.48 -2.44 -0.82
C3 PEG E . 0.78 -1.45 0.17
C4 PEG E . -0.26 -0.37 0.16
O4 PEG E . -1.47 -0.76 0.79
S DMS F . -8.17 2.12 -3.24
O DMS F . -9.61 1.92 -3.57
C1 DMS F . -8.13 2.75 -1.57
C2 DMS F . -7.64 3.60 -4.07
C1 PEG G . 7.12 16.35 -41.79
O1 PEG G . 5.80 16.72 -41.49
C2 PEG G . 7.55 15.14 -41.02
O2 PEG G . 8.18 15.53 -39.80
C3 PEG G . 8.75 14.46 -39.06
C4 PEG G . 7.73 13.77 -38.22
O4 PEG G . 8.11 12.45 -37.92
C1 EDO H . 7.61 -17.71 -16.51
O1 EDO H . 6.70 -17.73 -15.43
C2 EDO H . 8.85 -18.46 -16.26
O2 EDO H . 8.61 -19.79 -15.86
C1 PGE I . 14.29 -6.22 18.81
O1 PGE I . 14.19 -7.38 19.60
C2 PGE I . 13.42 -5.12 19.34
O2 PGE I . 14.22 -3.95 19.56
C3 PGE I . 13.67 -2.76 19.02
C4 PGE I . 14.71 -1.66 19.08
O4 PGE I . 14.54 -0.41 15.25
C6 PGE I . 15.86 -0.56 15.74
C5 PGE I . 15.92 -1.31 17.04
O3 PGE I . 14.77 -0.98 17.83
C1 EDO J . 19.84 -29.67 17.32
O1 EDO J . 19.48 -28.43 16.72
C2 EDO J . 19.47 -30.83 16.49
O2 EDO J . 19.19 -30.48 15.15
#